data_4ZPH
#
_entry.id   4ZPH
#
_cell.length_a   48.896
_cell.length_b   76.418
_cell.length_c   98.345
_cell.angle_alpha   89.830
_cell.angle_beta   89.640
_cell.angle_gamma   73.210
#
_symmetry.space_group_name_H-M   'P 1'
#
loop_
_entity.id
_entity.type
_entity.pdbx_description
1 polymer 'Aryl hydrocarbon receptor nuclear translocator'
2 polymer 'Endothelial PAS domain-containing protein 1'
3 non-polymer PROFLAVIN
4 water water
#
loop_
_entity_poly.entity_id
_entity_poly.type
_entity_poly.pdbx_seq_one_letter_code
_entity_poly.pdbx_strand_id
1 'polypeptide(L)'
;MSSADKERLARENHSEIERRRRNKMTAYITELSDMVPTCSALARKPDKLTILRMAVSHMKSLRGTGNTSTDGSYKPSFLT
DQELKHLILEAADGFLFIVSCETGRVVYVSDSVTPVLNQPQSEWFGSTLYDQVHPDDVDKLREQLSTSENALTGRVLDLK
TGTVKKEGQQSSMRMCMGSRRSFICRMRCGTSSVDPVSMNRLSFLRNRCRNGLGSVKEGEPHFVVVHCTGYIKAWPPAGV
SLPDDDPEAGQGSKFCLVAIGRLQVTSSPNCTDMSNICQPTEFISRHNIEGIFTFVDHRCVATVGYQPQELLGKNIVEFC
HPEDQQLLRDSFQQVVKLKGQVLSVMFRFRSKTREWLWMRTSSFTFQNPYSDEIEYIICTNTNV
;
A,C
2 'polypeptide(L)'
;MADKEKKRSSSELRKEKSRDAARCRRSKETEVFYELAHELPLPHSVSSHLDKASIMRLAISFLRTHKLLSSVCSENESEA
EADQQMDNLYLKALEGFIAVVTQDGDMIFLSENISKFMGLTQVELTGHSIFDFTHPCDHEEIRENLTLKNGSGFGKKSKD
VSTERDFFMRMKCTVTNRGRTVNLKSATWKVLHCTGQVRVYNNCPPHSSLCGSKEPLLSCLIIMCEPIQHPSHMDIPLDS
KTFLSRHSMDMKFTYCDDRILELIGYHPEELLGRSAYEFYHALDSENMTKSHQNLCTKGQVVSGQYRMLAKHGGYVWLET
QGTVIYNPRNLQPQCIMCVNYVLSEIEKNDVVFSMDQTES
;
B,D
#
# COMPACT_ATOMS: atom_id res chain seq x y z
N GLU A 18 35.00 1.92 25.44
CA GLU A 18 35.47 3.30 25.42
C GLU A 18 36.49 3.59 24.32
N ARG A 19 37.05 2.54 23.70
CA ARG A 19 38.21 2.74 22.82
C ARG A 19 38.13 2.06 21.45
N ARG A 20 37.07 2.34 20.69
CA ARG A 20 37.10 2.09 19.25
C ARG A 20 37.32 3.45 18.60
N ARG A 21 37.39 4.45 19.47
CA ARG A 21 37.95 5.75 19.13
C ARG A 21 39.35 5.48 18.57
N ARG A 22 40.10 4.69 19.32
CA ARG A 22 41.48 4.38 19.01
C ARG A 22 41.62 3.71 17.67
N ASN A 23 40.77 2.73 17.39
CA ASN A 23 41.01 1.90 16.21
C ASN A 23 40.58 2.57 14.91
N LYS A 24 39.75 3.60 14.95
CA LYS A 24 39.54 4.30 13.70
C LYS A 24 40.42 5.57 13.72
N MET A 25 41.06 5.85 14.84
CA MET A 25 42.12 6.84 14.75
C MET A 25 43.29 6.18 14.01
N THR A 26 43.52 4.91 14.31
CA THR A 26 44.52 4.13 13.59
C THR A 26 44.05 3.84 12.15
N ALA A 27 42.76 3.61 11.96
CA ALA A 27 42.23 3.48 10.60
C ALA A 27 42.50 4.79 9.83
N TYR A 28 42.24 5.90 10.50
CA TYR A 28 42.54 7.22 9.98
C TYR A 28 43.99 7.31 9.56
N ILE A 29 44.90 6.87 10.44
CA ILE A 29 46.31 7.06 10.14
C ILE A 29 46.73 6.19 8.95
N THR A 30 46.21 4.97 8.83
CA THR A 30 46.49 4.16 7.65
C THR A 30 45.94 4.78 6.35
N GLU A 31 44.62 4.81 6.30
CA GLU A 31 43.89 5.37 5.18
C GLU A 31 44.50 6.68 4.69
N LEU A 32 44.78 7.57 5.64
CA LEU A 32 45.38 8.86 5.31
C LEU A 32 46.78 8.68 4.76
N SER A 33 47.58 7.90 5.48
CA SER A 33 48.95 7.66 5.10
C SER A 33 49.12 7.20 3.67
N ASP A 34 48.20 6.39 3.17
CA ASP A 34 48.39 5.84 1.83
C ASP A 34 48.03 6.73 0.64
N MET A 35 47.32 7.82 0.85
CA MET A 35 47.08 8.71 -0.29
C MET A 35 48.05 9.87 -0.36
N VAL A 36 48.96 9.95 0.62
CA VAL A 36 50.12 10.82 0.49
C VAL A 36 51.14 10.01 -0.31
N PRO A 37 51.37 10.39 -1.58
CA PRO A 37 52.17 9.56 -2.50
C PRO A 37 53.60 9.36 -2.05
N THR A 38 54.24 10.45 -1.64
CA THR A 38 55.67 10.42 -1.37
C THR A 38 55.92 9.72 -0.03
N CYS A 39 54.80 9.28 0.55
CA CYS A 39 54.75 8.40 1.72
C CYS A 39 54.28 6.98 1.33
N SER A 40 53.19 6.88 0.57
CA SER A 40 52.78 5.60 -0.04
C SER A 40 53.97 4.86 -0.66
N ALA A 41 54.94 5.62 -1.17
CA ALA A 41 56.13 5.07 -1.80
C ALA A 41 57.20 4.54 -0.82
N LEU A 42 56.79 3.90 0.28
CA LEU A 42 57.74 3.32 1.23
C LEU A 42 57.40 1.86 1.60
N ALA A 43 58.43 1.02 1.76
CA ALA A 43 58.21 -0.39 2.08
C ALA A 43 57.81 -0.51 3.54
N ARG A 44 58.43 0.31 4.38
CA ARG A 44 58.01 0.43 5.76
C ARG A 44 57.31 1.79 5.93
N LYS A 45 56.26 1.82 6.73
CA LYS A 45 55.42 3.02 6.86
C LYS A 45 55.57 3.63 8.27
N PRO A 46 55.85 4.94 8.35
CA PRO A 46 56.28 5.65 9.57
C PRO A 46 55.26 5.84 10.70
N ASP A 47 55.72 6.53 11.76
CA ASP A 47 54.94 6.75 12.98
C ASP A 47 53.86 7.80 12.87
N LYS A 48 53.15 7.97 13.98
CA LYS A 48 52.06 8.93 14.13
C LYS A 48 52.39 10.34 13.64
N LEU A 49 53.40 10.95 14.23
CA LEU A 49 53.59 12.37 14.08
C LEU A 49 54.10 12.53 12.69
N THR A 50 54.96 11.59 12.30
CA THR A 50 55.63 11.74 11.02
C THR A 50 54.63 11.64 9.88
N ILE A 51 53.74 10.66 9.93
CA ILE A 51 52.71 10.61 8.89
C ILE A 51 51.90 11.91 8.90
N LEU A 52 51.70 12.44 10.10
CA LEU A 52 50.96 13.69 10.19
C LEU A 52 51.68 14.87 9.53
N ARG A 53 52.89 15.18 9.96
CA ARG A 53 53.65 16.30 9.39
C ARG A 53 53.93 16.05 7.92
N MET A 54 53.92 14.79 7.52
CA MET A 54 54.15 14.44 6.13
C MET A 54 52.99 14.97 5.32
N ALA A 55 51.79 14.64 5.80
CA ALA A 55 50.57 15.12 5.17
C ALA A 55 50.57 16.64 5.20
N VAL A 56 51.02 17.22 6.31
CA VAL A 56 51.04 18.67 6.45
C VAL A 56 51.85 19.35 5.34
N SER A 57 53.14 19.03 5.32
CA SER A 57 54.08 19.60 4.35
C SER A 57 53.64 19.32 2.92
N HIS A 58 52.98 18.18 2.73
CA HIS A 58 52.54 17.83 1.40
C HIS A 58 51.35 18.68 0.98
N MET A 59 50.49 18.95 1.94
CA MET A 59 49.31 19.72 1.67
C MET A 59 49.78 21.10 1.28
N LYS A 60 50.67 21.65 2.10
CA LYS A 60 51.33 22.89 1.79
C LYS A 60 51.83 22.90 0.36
N SER A 61 52.51 21.82 -0.02
CA SER A 61 52.95 21.64 -1.40
C SER A 61 51.80 21.78 -2.39
N LEU A 62 50.67 21.22 -2.04
CA LEU A 62 49.53 21.35 -2.92
C LEU A 62 48.97 22.77 -2.84
N THR A 80 40.76 23.78 -4.68
CA THR A 80 39.44 24.24 -4.25
C THR A 80 39.01 25.48 -5.03
N ASP A 81 39.71 25.82 -6.13
CA ASP A 81 39.50 27.13 -6.77
C ASP A 81 38.71 27.23 -8.09
N GLN A 82 39.22 26.71 -9.19
CA GLN A 82 38.50 26.75 -10.46
C GLN A 82 37.98 25.35 -10.64
N GLU A 83 38.55 24.39 -9.92
CA GLU A 83 38.10 23.02 -10.00
C GLU A 83 36.71 23.01 -9.40
N LEU A 84 36.46 23.99 -8.56
CA LEU A 84 35.12 24.25 -8.08
C LEU A 84 34.21 24.51 -9.27
N LYS A 85 34.64 25.40 -10.16
CA LYS A 85 33.93 25.67 -11.41
C LYS A 85 33.55 24.42 -12.18
N HIS A 86 34.48 23.49 -12.32
CA HIS A 86 34.12 22.27 -13.03
C HIS A 86 33.25 21.34 -12.20
N LEU A 87 33.35 21.44 -10.88
CA LEU A 87 32.47 20.69 -10.02
C LEU A 87 31.04 21.08 -10.38
N ILE A 88 30.86 22.39 -10.47
CA ILE A 88 29.64 22.99 -10.98
C ILE A 88 29.25 22.43 -12.33
N LEU A 89 30.21 22.39 -13.24
CA LEU A 89 29.87 21.94 -14.57
C LEU A 89 29.47 20.46 -14.61
N GLU A 90 29.97 19.68 -13.65
CA GLU A 90 29.74 18.25 -13.67
C GLU A 90 28.45 17.83 -12.99
N ALA A 91 28.21 18.40 -11.83
CA ALA A 91 26.99 18.10 -11.13
C ALA A 91 25.85 18.83 -11.83
N ALA A 92 25.97 20.16 -11.89
CA ALA A 92 24.85 21.02 -12.29
C ALA A 92 24.72 21.36 -13.76
N ASP A 93 25.79 21.15 -14.53
CA ASP A 93 25.82 21.47 -15.95
C ASP A 93 25.69 23.01 -16.03
N GLY A 94 26.46 23.69 -15.20
CA GLY A 94 26.39 25.13 -15.13
C GLY A 94 27.66 25.93 -15.36
N PHE A 95 27.48 27.23 -15.54
CA PHE A 95 28.61 28.10 -15.90
C PHE A 95 28.47 29.47 -15.24
N LEU A 96 29.57 30.13 -14.93
CA LEU A 96 29.45 31.44 -14.29
C LEU A 96 29.40 32.62 -15.27
N PHE A 97 28.60 33.64 -14.94
CA PHE A 97 28.63 34.87 -15.72
C PHE A 97 28.20 36.11 -14.91
N ILE A 98 28.92 37.21 -15.14
CA ILE A 98 28.61 38.53 -14.61
C ILE A 98 28.12 39.48 -15.69
N VAL A 99 27.02 40.17 -15.40
CA VAL A 99 26.43 41.10 -16.36
C VAL A 99 26.14 42.45 -15.70
N SER A 100 26.47 43.55 -16.37
CA SER A 100 26.16 44.83 -15.81
C SER A 100 24.67 45.03 -15.81
N CYS A 101 24.14 45.45 -14.67
CA CYS A 101 22.73 45.71 -14.54
C CYS A 101 22.43 46.96 -15.31
N GLU A 102 23.49 47.67 -15.69
CA GLU A 102 23.38 48.90 -16.45
C GLU A 102 22.95 48.62 -17.90
N THR A 103 23.86 48.03 -18.67
CA THR A 103 23.66 47.82 -20.10
C THR A 103 23.04 46.48 -20.41
N GLY A 104 23.36 45.50 -19.58
CA GLY A 104 22.97 44.14 -19.87
C GLY A 104 24.15 43.53 -20.58
N ARG A 105 25.22 44.30 -20.73
CA ARG A 105 26.39 43.77 -21.42
C ARG A 105 27.09 42.81 -20.49
N VAL A 106 27.62 41.75 -21.08
CA VAL A 106 28.31 40.74 -20.31
C VAL A 106 29.67 41.27 -19.96
N VAL A 107 29.83 41.50 -18.66
CA VAL A 107 31.12 41.82 -18.06
C VAL A 107 32.06 40.62 -18.14
N TYR A 108 31.60 39.47 -17.67
CA TYR A 108 32.47 38.28 -17.63
C TYR A 108 31.67 37.03 -17.92
N VAL A 109 32.28 36.06 -18.59
CA VAL A 109 31.61 34.78 -18.77
C VAL A 109 32.59 33.65 -18.56
N SER A 110 32.21 32.65 -17.77
CA SER A 110 33.11 31.53 -17.55
C SER A 110 33.16 30.73 -18.82
N ASP A 111 34.30 30.12 -19.10
CA ASP A 111 34.48 29.24 -20.25
C ASP A 111 33.53 28.05 -20.18
N SER A 112 33.04 27.76 -18.98
CA SER A 112 32.09 26.68 -18.82
C SER A 112 30.83 26.94 -19.65
N VAL A 113 30.66 28.19 -20.13
CA VAL A 113 29.61 28.51 -21.11
C VAL A 113 29.70 27.65 -22.37
N THR A 114 30.91 27.30 -22.75
CA THR A 114 31.11 26.60 -24.00
C THR A 114 30.57 25.18 -23.90
N PRO A 115 31.01 24.40 -22.90
CA PRO A 115 30.37 23.08 -22.79
C PRO A 115 28.87 23.15 -22.54
N VAL A 116 28.41 24.17 -21.82
CA VAL A 116 26.98 24.29 -21.59
C VAL A 116 26.23 24.76 -22.86
N LEU A 117 26.54 25.96 -23.35
CA LEU A 117 25.71 26.51 -24.41
C LEU A 117 26.22 26.25 -25.81
N ASN A 118 27.30 25.49 -25.94
CA ASN A 118 27.99 25.33 -27.20
C ASN A 118 28.23 26.73 -27.75
N GLN A 119 28.98 27.51 -26.97
CA GLN A 119 29.19 28.91 -27.31
C GLN A 119 30.59 29.37 -26.92
N PRO A 120 31.28 30.03 -27.85
CA PRO A 120 32.60 30.60 -27.58
C PRO A 120 32.53 31.81 -26.64
N GLN A 121 33.50 31.91 -25.75
CA GLN A 121 33.55 33.00 -24.78
C GLN A 121 33.55 34.34 -25.52
N SER A 122 34.26 34.38 -26.65
CA SER A 122 34.15 35.46 -27.63
C SER A 122 32.77 36.06 -27.73
N GLU A 123 31.82 35.20 -28.12
CA GLU A 123 30.48 35.63 -28.44
C GLU A 123 29.86 36.34 -27.26
N TRP A 124 30.25 35.96 -26.05
CA TRP A 124 29.62 36.54 -24.87
C TRP A 124 30.34 37.69 -24.25
N PHE A 125 31.39 38.18 -24.89
CA PHE A 125 32.09 39.27 -24.25
C PHE A 125 31.77 40.61 -24.88
N GLY A 126 31.68 40.63 -26.20
CA GLY A 126 31.22 41.80 -26.92
C GLY A 126 29.71 41.94 -26.88
N SER A 127 29.08 41.13 -26.05
CA SER A 127 27.64 40.96 -26.14
C SER A 127 26.80 41.38 -24.93
N THR A 128 25.52 41.57 -25.21
CA THR A 128 24.54 41.82 -24.19
C THR A 128 23.64 40.60 -23.95
N LEU A 129 23.34 40.31 -22.68
CA LEU A 129 22.57 39.11 -22.31
C LEU A 129 21.19 39.06 -22.97
N TYR A 130 20.65 40.23 -23.27
CA TYR A 130 19.42 40.32 -24.02
C TYR A 130 19.63 39.68 -25.37
N ASP A 131 20.83 39.83 -25.91
CA ASP A 131 21.19 39.23 -27.21
C ASP A 131 21.28 37.73 -27.12
N GLN A 132 21.41 37.22 -25.91
CA GLN A 132 21.71 35.81 -25.75
C GLN A 132 20.48 35.02 -25.39
N VAL A 133 19.36 35.70 -25.13
CA VAL A 133 18.12 34.99 -24.83
C VAL A 133 17.09 35.04 -25.93
N HIS A 134 15.98 34.37 -25.62
CA HIS A 134 14.80 34.37 -26.45
C HIS A 134 14.17 35.77 -26.40
N PRO A 135 13.72 36.28 -27.55
CA PRO A 135 13.05 37.59 -27.62
C PRO A 135 11.95 37.73 -26.57
N ASP A 136 11.11 36.70 -26.44
CA ASP A 136 10.05 36.76 -25.44
C ASP A 136 10.55 36.77 -24.00
N ASP A 137 11.81 36.38 -23.80
CA ASP A 137 12.33 36.37 -22.46
C ASP A 137 12.88 37.73 -22.04
N VAL A 138 12.75 38.75 -22.88
CA VAL A 138 13.36 40.04 -22.54
C VAL A 138 12.79 40.79 -21.31
N ASP A 139 11.47 40.94 -21.22
CA ASP A 139 10.84 41.74 -20.16
C ASP A 139 11.24 41.26 -18.76
N LYS A 140 11.10 39.95 -18.58
CA LYS A 140 11.55 39.25 -17.40
C LYS A 140 12.95 39.69 -17.00
N LEU A 141 13.82 39.68 -17.98
CA LEU A 141 15.20 40.05 -17.76
C LEU A 141 15.32 41.51 -17.31
N ARG A 142 14.57 42.41 -17.94
CA ARG A 142 14.58 43.82 -17.52
C ARG A 142 14.22 43.94 -16.05
N GLU A 143 13.38 43.04 -15.55
CA GLU A 143 12.90 43.18 -14.18
C GLU A 143 13.84 42.52 -13.19
N GLN A 144 14.73 41.67 -13.69
CA GLN A 144 15.67 41.02 -12.80
C GLN A 144 16.87 41.93 -12.66
N LEU A 145 16.93 42.92 -13.54
CA LEU A 145 18.01 43.87 -13.48
C LEU A 145 17.52 45.27 -13.04
N SER A 146 16.69 45.31 -12.00
CA SER A 146 16.03 46.56 -11.60
C SER A 146 16.18 46.88 -10.11
N THR A 147 15.74 48.09 -9.75
CA THR A 147 15.84 48.63 -8.39
C THR A 147 15.25 47.74 -7.30
N SER A 179 20.34 43.21 -4.12
CA SER A 179 19.72 42.15 -3.32
C SER A 179 20.18 40.83 -3.89
N ARG A 180 19.27 39.91 -4.21
CA ARG A 180 19.63 38.59 -4.77
C ARG A 180 18.67 38.05 -5.86
N ARG A 181 19.17 37.41 -6.91
CA ARG A 181 18.33 37.10 -8.08
C ARG A 181 18.30 35.63 -8.54
N SER A 182 17.19 35.26 -9.16
CA SER A 182 16.97 33.91 -9.68
C SER A 182 15.78 33.84 -10.63
N PHE A 183 15.95 33.15 -11.75
CA PHE A 183 14.91 33.12 -12.77
C PHE A 183 15.23 32.06 -13.79
N ILE A 184 14.28 31.81 -14.68
CA ILE A 184 14.45 30.82 -15.73
C ILE A 184 14.29 31.52 -17.08
N CYS A 185 15.10 31.16 -18.08
CA CYS A 185 14.99 31.76 -19.42
C CYS A 185 15.58 30.87 -20.53
N ARG A 186 15.09 31.02 -21.75
CA ARG A 186 15.61 30.29 -22.90
C ARG A 186 16.79 30.98 -23.54
N MET A 187 17.97 30.35 -23.50
CA MET A 187 19.15 30.92 -24.16
C MET A 187 19.51 30.15 -25.39
N ARG A 188 19.95 30.88 -26.41
CA ARG A 188 20.32 30.27 -27.69
C ARG A 188 21.64 29.55 -27.58
N CYS A 189 21.81 28.52 -28.43
CA CYS A 189 23.06 27.80 -28.58
C CYS A 189 23.75 28.11 -29.93
N PRO A 221 17.96 30.16 -34.51
CA PRO A 221 16.76 30.14 -33.66
C PRO A 221 16.57 28.82 -32.93
N HIS A 222 17.52 28.43 -32.08
CA HIS A 222 17.36 27.25 -31.24
C HIS A 222 17.71 27.62 -29.79
N PHE A 223 16.77 27.37 -28.88
CA PHE A 223 16.98 27.77 -27.49
C PHE A 223 16.86 26.62 -26.54
N VAL A 224 17.50 26.78 -25.38
CA VAL A 224 17.35 25.85 -24.28
C VAL A 224 16.98 26.55 -22.96
N VAL A 225 16.11 25.91 -22.19
CA VAL A 225 15.81 26.39 -20.86
C VAL A 225 17.01 26.40 -19.91
N VAL A 226 17.22 27.54 -19.25
CA VAL A 226 18.35 27.77 -18.37
C VAL A 226 17.92 28.47 -17.10
N HIS A 227 18.32 27.93 -15.96
CA HIS A 227 18.08 28.54 -14.66
C HIS A 227 19.23 29.39 -14.21
N CYS A 228 19.05 30.70 -14.14
CA CYS A 228 20.12 31.55 -13.62
C CYS A 228 19.86 31.98 -12.20
N THR A 229 20.91 31.82 -11.41
CA THR A 229 20.93 32.02 -9.98
C THR A 229 22.13 32.82 -9.60
N GLY A 230 21.90 34.00 -9.05
CA GLY A 230 23.01 34.84 -8.62
C GLY A 230 22.60 35.95 -7.69
N TYR A 231 23.38 37.04 -7.70
CA TYR A 231 23.24 38.13 -6.73
C TYR A 231 23.89 39.40 -7.29
N ILE A 232 23.51 40.55 -6.74
CA ILE A 232 24.00 41.86 -7.21
C ILE A 232 25.25 42.35 -6.47
N LYS A 233 26.23 42.88 -7.20
CA LYS A 233 27.46 43.35 -6.57
C LYS A 233 28.11 44.51 -7.35
N ALA A 234 28.77 45.42 -6.63
CA ALA A 234 29.64 46.44 -7.24
C ALA A 234 30.73 45.84 -8.13
N PHE A 255 27.77 48.09 -10.45
CA PHE A 255 26.41 47.56 -10.30
C PHE A 255 26.18 46.43 -11.29
N CYS A 256 26.24 45.22 -10.78
CA CYS A 256 26.34 44.04 -11.61
C CYS A 256 25.62 42.85 -11.03
N LEU A 257 25.50 41.82 -11.85
CA LEU A 257 24.91 40.56 -11.48
C LEU A 257 25.89 39.43 -11.62
N VAL A 258 26.24 38.82 -10.51
CA VAL A 258 27.09 37.64 -10.51
C VAL A 258 26.21 36.42 -10.35
N ALA A 259 26.04 35.68 -11.44
CA ALA A 259 25.09 34.58 -11.42
C ALA A 259 25.66 33.41 -12.16
N ILE A 260 25.05 32.28 -11.91
CA ILE A 260 25.41 31.04 -12.53
C ILE A 260 24.24 30.60 -13.37
N GLY A 261 24.53 30.14 -14.57
CA GLY A 261 23.50 29.58 -15.45
C GLY A 261 23.50 28.06 -15.59
N ARG A 262 22.35 27.43 -15.38
CA ARG A 262 22.24 25.97 -15.27
C ARG A 262 21.22 25.30 -16.20
N LEU A 263 21.63 24.24 -16.89
CA LEU A 263 20.73 23.47 -17.75
C LEU A 263 20.14 22.27 -17.00
N GLN A 264 19.22 21.55 -17.64
CA GLN A 264 18.63 20.34 -17.09
C GLN A 264 17.78 19.71 -18.21
N VAL A 265 16.84 18.88 -17.87
CA VAL A 265 15.65 18.37 -18.62
C VAL A 265 15.70 16.85 -18.58
N PRO A 280 0.48 10.28 -39.28
CA PRO A 280 0.81 10.41 -37.85
C PRO A 280 0.54 9.13 -37.10
N THR A 281 -0.08 8.17 -37.79
CA THR A 281 -0.55 6.89 -37.25
C THR A 281 -1.71 6.99 -36.22
N GLU A 282 -1.69 8.00 -35.35
CA GLU A 282 -2.50 7.99 -34.13
C GLU A 282 -2.74 9.35 -33.45
N PHE A 283 -3.49 9.36 -32.35
CA PHE A 283 -3.63 10.57 -31.50
C PHE A 283 -4.19 10.30 -30.11
N ILE A 284 -3.85 11.14 -29.13
CA ILE A 284 -4.31 10.95 -27.75
C ILE A 284 -5.52 11.84 -27.43
N SER A 285 -6.41 11.33 -26.58
CA SER A 285 -7.56 12.09 -26.10
C SER A 285 -7.85 11.82 -24.63
N ARG A 286 -8.69 12.67 -24.04
CA ARG A 286 -9.14 12.45 -22.67
C ARG A 286 -10.63 12.63 -22.58
N HIS A 287 -11.26 11.86 -21.70
CA HIS A 287 -12.70 11.87 -21.54
C HIS A 287 -13.07 11.93 -20.09
N ASN A 288 -14.20 12.54 -19.78
CA ASN A 288 -14.82 12.24 -18.51
C ASN A 288 -15.41 10.83 -18.63
N ILE A 289 -15.81 10.24 -17.51
CA ILE A 289 -16.15 8.82 -17.50
C ILE A 289 -17.35 8.50 -18.38
N GLU A 290 -18.12 9.53 -18.71
CA GLU A 290 -19.29 9.35 -19.55
C GLU A 290 -18.89 9.23 -21.03
N GLY A 291 -17.70 9.69 -21.40
CA GLY A 291 -17.25 9.53 -22.77
C GLY A 291 -17.19 10.84 -23.54
N ILE A 292 -17.58 11.92 -22.87
CA ILE A 292 -17.49 13.21 -23.51
C ILE A 292 -16.03 13.51 -23.76
N PHE A 293 -15.70 13.95 -24.97
CA PHE A 293 -14.36 14.53 -25.24
C PHE A 293 -14.11 15.75 -24.39
N THR A 294 -13.02 15.67 -23.64
CA THR A 294 -12.57 16.75 -22.79
C THR A 294 -11.19 17.24 -23.24
N PHE A 295 -10.51 16.48 -24.11
CA PHE A 295 -9.21 16.88 -24.67
C PHE A 295 -8.84 16.09 -25.96
N VAL A 296 -8.39 16.78 -27.01
CA VAL A 296 -7.81 16.07 -28.16
C VAL A 296 -6.53 16.77 -28.65
N ASP A 297 -5.53 15.99 -29.07
CA ASP A 297 -4.29 16.54 -29.58
C ASP A 297 -4.56 16.94 -31.03
N HIS A 298 -3.87 17.96 -31.54
CA HIS A 298 -4.17 18.54 -32.85
C HIS A 298 -4.14 17.50 -33.98
N ARG A 299 -3.38 16.44 -33.76
CA ARG A 299 -3.26 15.35 -34.72
C ARG A 299 -4.58 14.72 -35.10
N CYS A 300 -5.59 14.88 -34.26
CA CYS A 300 -6.93 14.44 -34.59
C CYS A 300 -7.34 14.90 -35.98
N VAL A 301 -7.03 16.15 -36.33
CA VAL A 301 -7.42 16.68 -37.64
C VAL A 301 -6.83 15.85 -38.80
N ALA A 302 -5.64 15.31 -38.59
CA ALA A 302 -5.03 14.51 -39.64
C ALA A 302 -5.59 13.10 -39.60
N THR A 303 -5.87 12.66 -38.38
CA THR A 303 -6.27 11.27 -38.14
C THR A 303 -7.69 10.94 -38.62
N VAL A 304 -8.65 11.79 -38.29
CA VAL A 304 -10.05 11.48 -38.59
C VAL A 304 -10.71 12.64 -39.33
N GLY A 305 -9.94 13.68 -39.63
CA GLY A 305 -10.46 14.76 -40.43
C GLY A 305 -11.12 15.86 -39.62
N TYR A 306 -11.32 15.63 -38.33
CA TYR A 306 -11.99 16.62 -37.50
C TYR A 306 -11.06 17.63 -36.83
N GLN A 307 -11.46 18.89 -36.90
CA GLN A 307 -10.93 19.90 -36.01
C GLN A 307 -11.41 19.56 -34.60
N PRO A 308 -10.49 19.64 -33.63
CA PRO A 308 -10.73 19.42 -32.20
C PRO A 308 -12.09 19.91 -31.72
N GLN A 309 -12.44 21.11 -32.16
CA GLN A 309 -13.75 21.72 -31.91
C GLN A 309 -14.93 20.81 -32.23
N GLU A 310 -14.76 19.91 -33.20
CA GLU A 310 -15.89 19.10 -33.63
C GLU A 310 -16.06 17.81 -32.82
N LEU A 311 -15.07 17.47 -32.00
CA LEU A 311 -15.23 16.33 -31.12
C LEU A 311 -15.43 16.78 -29.69
N LEU A 312 -14.74 17.85 -29.32
CA LEU A 312 -14.71 18.27 -27.93
C LEU A 312 -16.11 18.64 -27.52
N GLY A 313 -16.55 18.07 -26.41
CA GLY A 313 -17.88 18.29 -25.89
C GLY A 313 -18.84 17.16 -26.21
N LYS A 314 -18.53 16.39 -27.24
CA LYS A 314 -19.41 15.32 -27.67
C LYS A 314 -18.87 14.00 -27.15
N ASN A 315 -19.78 13.07 -26.92
CA ASN A 315 -19.43 11.75 -26.43
C ASN A 315 -18.90 10.87 -27.53
N ILE A 316 -17.89 10.10 -27.18
CA ILE A 316 -17.17 9.31 -28.16
C ILE A 316 -18.06 8.24 -28.81
N VAL A 317 -19.05 7.73 -28.10
CA VAL A 317 -19.88 6.66 -28.66
C VAL A 317 -20.78 7.13 -29.82
N GLU A 318 -20.83 8.44 -30.04
CA GLU A 318 -21.64 9.02 -31.11
C GLU A 318 -20.95 8.96 -32.46
N PHE A 319 -19.66 8.68 -32.45
CA PHE A 319 -18.88 8.61 -33.68
C PHE A 319 -18.73 7.17 -34.03
N CYS A 320 -19.30 6.35 -33.16
CA CYS A 320 -19.20 4.91 -33.26
C CYS A 320 -20.33 4.30 -34.13
N HIS A 321 -19.99 3.22 -34.83
CA HIS A 321 -20.97 2.44 -35.59
C HIS A 321 -21.93 1.87 -34.57
N PRO A 322 -23.23 2.03 -34.79
CA PRO A 322 -24.21 1.49 -33.85
C PRO A 322 -23.90 0.07 -33.40
N GLU A 323 -23.42 -0.76 -34.32
CA GLU A 323 -23.09 -2.14 -34.00
C GLU A 323 -22.08 -2.21 -32.87
N ASP A 324 -21.08 -1.35 -32.94
CA ASP A 324 -19.94 -1.41 -32.05
C ASP A 324 -20.17 -0.56 -30.82
N GLN A 325 -21.33 0.10 -30.78
CA GLN A 325 -21.56 1.01 -29.68
C GLN A 325 -21.56 0.29 -28.34
N GLN A 326 -22.16 -0.89 -28.29
CA GLN A 326 -22.21 -1.62 -27.03
C GLN A 326 -20.78 -2.00 -26.68
N LEU A 327 -20.05 -2.40 -27.71
CA LEU A 327 -18.65 -2.79 -27.55
C LEU A 327 -17.87 -1.63 -26.96
N LEU A 328 -18.19 -0.42 -27.40
CA LEU A 328 -17.51 0.75 -26.86
C LEU A 328 -17.95 1.01 -25.42
N ARG A 329 -19.26 0.95 -25.19
CA ARG A 329 -19.83 1.23 -23.88
C ARG A 329 -19.22 0.32 -22.85
N ASP A 330 -19.25 -0.98 -23.13
CA ASP A 330 -18.87 -1.94 -22.13
C ASP A 330 -17.40 -1.74 -21.86
N SER A 331 -16.69 -1.29 -22.89
CA SER A 331 -15.28 -1.03 -22.73
C SER A 331 -15.02 0.03 -21.67
N PHE A 332 -15.81 1.09 -21.67
CA PHE A 332 -15.65 2.14 -20.69
C PHE A 332 -15.85 1.55 -19.32
N GLN A 333 -16.87 0.69 -19.21
CA GLN A 333 -17.10 0.00 -17.94
C GLN A 333 -15.84 -0.68 -17.48
N GLN A 334 -15.23 -1.45 -18.37
CA GLN A 334 -14.11 -2.23 -17.92
C GLN A 334 -12.96 -1.33 -17.49
N VAL A 335 -12.76 -0.22 -18.18
CA VAL A 335 -11.66 0.64 -17.78
C VAL A 335 -11.91 1.30 -16.42
N VAL A 336 -13.17 1.59 -16.12
CA VAL A 336 -13.45 2.26 -14.86
C VAL A 336 -13.56 1.31 -13.68
N LYS A 337 -14.14 0.14 -13.91
CA LYS A 337 -14.28 -0.87 -12.87
C LYS A 337 -12.91 -1.26 -12.35
N LEU A 338 -11.99 -1.44 -13.29
CA LEU A 338 -10.60 -1.79 -13.01
C LEU A 338 -9.87 -0.48 -13.18
N LYS A 339 -9.38 0.07 -12.07
CA LYS A 339 -8.71 1.36 -12.10
C LYS A 339 -7.18 1.28 -12.25
N GLY A 340 -6.66 1.89 -13.32
CA GLY A 340 -5.22 2.07 -13.51
C GLY A 340 -4.50 1.35 -14.64
N GLN A 341 -4.95 0.13 -14.91
CA GLN A 341 -4.43 -0.73 -15.99
C GLN A 341 -5.16 -0.37 -17.30
N VAL A 342 -4.62 -0.84 -18.42
CA VAL A 342 -5.01 -0.46 -19.78
C VAL A 342 -5.93 -1.48 -20.51
N LEU A 343 -6.90 -1.01 -21.28
CA LEU A 343 -7.70 -1.93 -22.09
C LEU A 343 -7.87 -1.49 -23.54
N SER A 344 -7.80 -2.45 -24.46
CA SER A 344 -7.92 -2.15 -25.87
C SER A 344 -9.25 -2.60 -26.42
N VAL A 345 -9.69 -1.88 -27.45
CA VAL A 345 -10.94 -2.12 -28.14
C VAL A 345 -10.78 -1.71 -29.59
N MET A 346 -11.36 -2.47 -30.52
CA MET A 346 -11.35 -2.02 -31.90
C MET A 346 -12.77 -1.71 -32.37
N PHE A 347 -12.93 -0.64 -33.16
CA PHE A 347 -14.24 -0.25 -33.66
C PHE A 347 -14.18 0.67 -34.85
N ARG A 348 -15.32 0.87 -35.50
CA ARG A 348 -15.40 1.78 -36.63
C ARG A 348 -15.80 3.18 -36.19
N PHE A 349 -14.92 4.14 -36.48
CA PHE A 349 -15.06 5.53 -36.07
C PHE A 349 -15.47 6.39 -37.28
N ARG A 350 -16.46 7.26 -37.07
CA ARG A 350 -17.00 8.08 -38.14
C ARG A 350 -16.07 9.24 -38.48
N SER A 351 -15.26 9.05 -39.52
CA SER A 351 -14.39 10.09 -40.07
C SER A 351 -15.22 11.29 -40.53
N LYS A 352 -14.56 12.42 -40.76
CA LYS A 352 -15.28 13.60 -41.24
C LYS A 352 -15.79 13.44 -42.69
N THR A 353 -15.15 12.61 -43.51
CA THR A 353 -15.80 12.27 -44.78
C THR A 353 -16.87 11.20 -44.56
N ARG A 354 -17.22 10.94 -43.29
CA ARG A 354 -18.21 9.91 -42.99
C ARG A 354 -17.76 8.58 -43.55
N GLU A 355 -16.64 8.09 -43.05
CA GLU A 355 -16.12 6.80 -43.44
C GLU A 355 -15.76 6.04 -42.20
N TRP A 356 -16.29 4.83 -42.07
CA TRP A 356 -16.05 4.03 -40.89
C TRP A 356 -14.60 3.61 -40.86
N LEU A 357 -13.93 3.96 -39.78
CA LEU A 357 -12.52 3.71 -39.63
C LEU A 357 -12.27 2.69 -38.56
N TRP A 358 -11.71 1.56 -38.94
CA TRP A 358 -11.31 0.67 -37.90
C TRP A 358 -10.26 1.42 -37.11
N MET A 359 -10.38 1.29 -35.82
CA MET A 359 -9.55 1.99 -34.88
C MET A 359 -9.37 1.08 -33.73
N ARG A 360 -8.16 1.08 -33.19
CA ARG A 360 -7.99 0.49 -31.91
C ARG A 360 -7.84 1.69 -31.05
N THR A 361 -8.55 1.70 -29.93
CA THR A 361 -8.27 2.69 -28.92
C THR A 361 -7.97 1.87 -27.69
N SER A 362 -7.00 2.30 -26.93
CA SER A 362 -6.62 1.58 -25.74
C SER A 362 -6.43 2.61 -24.66
N SER A 363 -7.00 2.38 -23.49
CA SER A 363 -7.09 3.46 -22.54
C SER A 363 -7.08 3.03 -21.08
N PHE A 364 -6.81 3.97 -20.18
CA PHE A 364 -6.92 3.69 -18.76
C PHE A 364 -7.32 4.95 -17.99
N THR A 365 -7.87 4.73 -16.81
CA THR A 365 -8.24 5.83 -15.94
C THR A 365 -7.01 6.53 -15.36
N PHE A 366 -7.16 7.81 -15.07
CA PHE A 366 -6.10 8.59 -14.46
C PHE A 366 -6.56 9.01 -13.07
N GLN A 367 -5.97 8.44 -12.04
CA GLN A 367 -6.40 8.70 -10.68
C GLN A 367 -5.53 9.71 -9.93
N ASN A 368 -6.18 10.62 -9.22
CA ASN A 368 -5.48 11.59 -8.39
C ASN A 368 -4.53 10.86 -7.44
N PRO A 369 -3.28 11.32 -7.36
CA PRO A 369 -2.21 10.69 -6.55
C PRO A 369 -2.51 10.68 -5.04
N TYR A 370 -3.25 11.70 -4.59
CA TYR A 370 -3.56 11.87 -3.18
C TYR A 370 -4.81 11.09 -2.79
N SER A 371 -5.93 11.39 -3.45
CA SER A 371 -7.21 10.75 -3.14
C SER A 371 -7.47 9.40 -3.85
N ASP A 372 -6.79 9.14 -4.96
CA ASP A 372 -7.05 7.99 -5.82
C ASP A 372 -8.51 7.87 -6.32
N GLU A 373 -9.21 8.99 -6.41
CA GLU A 373 -10.46 8.94 -7.13
C GLU A 373 -10.17 9.34 -8.58
N ILE A 374 -11.14 9.19 -9.48
CA ILE A 374 -10.81 9.20 -10.91
C ILE A 374 -10.93 10.56 -11.61
N GLU A 375 -9.79 11.11 -11.97
CA GLU A 375 -9.76 12.37 -12.69
C GLU A 375 -10.56 12.23 -13.98
N TYR A 376 -10.11 11.33 -14.84
CA TYR A 376 -10.67 11.17 -16.16
C TYR A 376 -10.07 9.93 -16.79
N ILE A 377 -10.48 9.63 -18.01
CA ILE A 377 -9.91 8.55 -18.82
C ILE A 377 -8.98 9.03 -19.95
N ILE A 378 -7.79 8.42 -20.06
CA ILE A 378 -6.89 8.75 -21.18
C ILE A 378 -6.89 7.66 -22.21
N CYS A 379 -7.18 8.04 -23.46
CA CYS A 379 -7.15 7.12 -24.58
C CYS A 379 -6.07 7.47 -25.54
N THR A 380 -5.52 6.46 -26.19
CA THR A 380 -4.79 6.68 -27.40
C THR A 380 -5.54 5.97 -28.51
N ASN A 381 -5.86 6.72 -29.57
CA ASN A 381 -6.61 6.22 -30.70
C ASN A 381 -5.77 6.06 -31.96
N THR A 382 -5.47 4.81 -32.31
CA THR A 382 -4.57 4.52 -33.40
C THR A 382 -5.27 3.85 -34.55
N ASN A 383 -5.13 4.45 -35.72
CA ASN A 383 -5.69 3.89 -36.94
C ASN A 383 -5.19 2.50 -37.23
N VAL A 384 -6.12 1.64 -37.57
CA VAL A 384 -5.83 0.24 -37.75
C VAL A 384 -6.15 -0.18 -39.17
N ARG B 25 55.06 14.24 24.87
CA ARG B 25 54.95 13.62 23.55
C ARG B 25 53.60 13.92 22.88
N ARG B 26 52.55 13.97 23.69
CA ARG B 26 51.26 14.44 23.21
C ARG B 26 51.29 15.95 23.11
N SER B 27 52.22 16.58 23.82
CA SER B 27 52.51 17.98 23.55
C SER B 27 52.68 18.13 22.05
N LYS B 28 53.68 17.42 21.53
CA LYS B 28 54.02 17.45 20.12
C LYS B 28 52.80 17.05 19.31
N GLU B 29 52.11 16.01 19.75
CA GLU B 29 50.97 15.50 19.03
C GLU B 29 49.88 16.56 18.86
N THR B 30 49.36 17.07 19.96
CA THR B 30 48.24 17.99 19.91
C THR B 30 48.63 19.22 19.07
N GLU B 31 49.82 19.75 19.34
CA GLU B 31 50.23 20.95 18.63
C GLU B 31 50.33 20.70 17.10
N VAL B 32 50.88 19.54 16.69
CA VAL B 32 50.99 19.23 15.25
C VAL B 32 49.60 19.01 14.64
N PHE B 33 48.70 18.46 15.44
CA PHE B 33 47.34 18.37 14.97
C PHE B 33 46.78 19.70 14.60
N TYR B 34 46.86 20.62 15.53
CA TYR B 34 46.26 21.92 15.32
C TYR B 34 46.92 22.71 14.17
N GLU B 35 48.24 22.60 14.13
CA GLU B 35 49.02 23.12 13.02
C GLU B 35 48.46 22.59 11.70
N LEU B 36 48.23 21.28 11.65
CA LEU B 36 47.64 20.61 10.48
C LEU B 36 46.29 21.21 10.12
N ALA B 37 45.45 21.28 11.14
CA ALA B 37 44.11 21.81 11.05
C ALA B 37 44.11 23.18 10.40
N HIS B 38 45.12 23.97 10.69
CA HIS B 38 45.11 25.34 10.23
C HIS B 38 45.10 25.58 8.75
N GLU B 39 45.99 24.93 8.02
CA GLU B 39 46.08 25.18 6.59
C GLU B 39 45.57 24.00 5.77
N LEU B 40 44.44 23.50 6.22
CA LEU B 40 43.52 22.84 5.35
C LEU B 40 42.91 24.04 4.63
N PRO B 41 42.40 23.87 3.40
CA PRO B 41 42.01 25.06 2.63
C PRO B 41 40.84 25.83 3.25
N LEU B 42 40.94 26.16 4.54
CA LEU B 42 39.86 26.77 5.30
C LEU B 42 40.41 27.79 6.34
N PRO B 43 39.57 28.75 6.79
CA PRO B 43 39.97 29.83 7.74
C PRO B 43 40.40 29.28 9.07
N HIS B 44 41.38 29.86 9.75
CA HIS B 44 41.67 29.22 11.02
C HIS B 44 40.55 29.51 11.98
N SER B 45 39.75 30.54 11.68
CA SER B 45 38.45 30.71 12.29
C SER B 45 37.81 29.36 12.63
N VAL B 46 37.70 28.46 11.65
CA VAL B 46 37.11 27.15 11.90
C VAL B 46 38.17 26.08 12.10
N SER B 47 39.31 26.26 11.44
CA SER B 47 40.42 25.34 11.57
C SER B 47 40.78 25.16 13.02
N SER B 48 40.80 26.29 13.73
CA SER B 48 41.13 26.32 15.12
C SER B 48 40.31 25.33 15.97
N HIS B 49 39.01 25.26 15.70
CA HIS B 49 38.08 24.60 16.61
C HIS B 49 37.75 23.14 16.25
N LEU B 50 38.79 22.31 16.21
CA LEU B 50 38.59 20.96 15.79
C LEU B 50 39.13 19.96 16.79
N ASP B 51 38.35 18.90 16.98
CA ASP B 51 38.83 17.72 17.66
C ASP B 51 39.66 17.01 16.62
N LYS B 52 40.74 16.39 17.05
CA LYS B 52 41.69 15.74 16.16
C LYS B 52 40.97 14.87 15.12
N ALA B 53 39.98 14.10 15.59
CA ALA B 53 39.12 13.29 14.72
C ALA B 53 38.61 14.07 13.50
N SER B 54 38.13 15.30 13.72
CA SER B 54 37.64 16.13 12.62
C SER B 54 38.76 16.45 11.68
N ILE B 55 39.92 16.74 12.24
CA ILE B 55 41.08 16.99 11.38
C ILE B 55 41.32 15.78 10.48
N MET B 56 41.25 14.58 11.05
CA MET B 56 41.39 13.36 10.25
C MET B 56 40.37 13.27 9.15
N ARG B 57 39.11 13.19 9.57
CA ARG B 57 37.97 13.13 8.66
C ARG B 57 38.16 14.08 7.50
N LEU B 58 38.45 15.32 7.83
CA LEU B 58 38.52 16.36 6.84
C LEU B 58 39.75 16.20 5.97
N ALA B 59 40.87 15.84 6.58
CA ALA B 59 42.11 15.60 5.87
C ALA B 59 41.88 14.58 4.77
N ILE B 60 41.44 13.42 5.18
CA ILE B 60 41.17 12.35 4.25
C ILE B 60 40.23 12.79 3.15
N SER B 61 39.06 13.25 3.56
CA SER B 61 37.99 13.57 2.62
C SER B 61 38.45 14.63 1.63
N PHE B 62 39.34 15.49 2.09
CA PHE B 62 39.93 16.51 1.25
C PHE B 62 40.80 15.84 0.21
N LEU B 63 41.59 14.87 0.64
CA LEU B 63 42.43 14.14 -0.32
C LEU B 63 41.56 13.45 -1.37
N ARG B 64 40.62 12.66 -0.89
CA ARG B 64 39.70 11.93 -1.77
C ARG B 64 39.06 12.85 -2.80
N THR B 65 38.68 14.03 -2.34
CA THR B 65 38.07 15.01 -3.22
C THR B 65 39.08 15.40 -4.29
N HIS B 66 40.31 15.71 -3.88
CA HIS B 66 41.29 16.11 -4.89
C HIS B 66 41.54 15.00 -5.90
N LYS B 67 41.43 13.76 -5.44
CA LYS B 67 41.59 12.67 -6.36
C LYS B 67 40.47 12.68 -7.36
N LEU B 68 39.26 12.38 -6.90
CA LEU B 68 38.10 12.38 -7.79
C LEU B 68 38.06 13.55 -8.79
N LEU B 69 38.45 14.73 -8.31
CA LEU B 69 38.57 15.89 -9.17
C LEU B 69 39.62 15.65 -10.23
N SER B 70 40.76 15.08 -9.85
CA SER B 70 41.72 14.75 -10.89
C SER B 70 41.05 13.78 -11.85
N SER B 71 40.19 12.89 -11.33
CA SER B 71 39.50 11.93 -12.19
C SER B 71 38.58 12.58 -13.20
N VAL B 72 38.17 13.79 -12.92
CA VAL B 72 37.20 14.37 -13.83
C VAL B 72 37.73 15.53 -14.67
N CYS B 73 38.90 16.04 -14.36
CA CYS B 73 39.41 17.15 -15.14
C CYS B 73 40.34 16.74 -16.31
N SER B 74 40.32 15.48 -16.70
CA SER B 74 41.16 15.06 -17.81
C SER B 74 40.30 14.53 -18.97
N MET B 86 38.17 34.73 -5.02
CA MET B 86 38.15 34.32 -6.43
C MET B 86 36.95 33.40 -6.68
N ASP B 87 36.47 32.75 -5.62
CA ASP B 87 35.26 31.93 -5.72
C ASP B 87 34.26 32.30 -4.64
N ASN B 88 34.24 33.57 -4.24
CA ASN B 88 33.08 34.04 -3.52
C ASN B 88 32.00 34.16 -4.58
N LEU B 89 32.44 34.31 -5.83
CA LEU B 89 31.55 34.34 -6.97
C LEU B 89 30.73 33.09 -7.11
N TYR B 90 31.39 31.96 -7.37
CA TYR B 90 30.65 30.72 -7.55
C TYR B 90 29.85 30.33 -6.30
N LEU B 91 30.43 30.54 -5.12
CA LEU B 91 29.72 30.22 -3.88
C LEU B 91 28.48 31.08 -3.67
N LYS B 92 28.61 32.36 -3.94
CA LYS B 92 27.53 33.30 -3.62
C LYS B 92 26.50 33.30 -4.74
N ALA B 93 26.95 32.97 -5.95
CA ALA B 93 26.09 33.02 -7.11
C ALA B 93 25.07 31.94 -6.96
N LEU B 94 25.51 30.84 -6.37
CA LEU B 94 24.66 29.70 -6.07
C LEU B 94 23.58 29.93 -5.04
N GLU B 95 22.41 29.36 -5.30
CA GLU B 95 21.36 29.32 -4.30
C GLU B 95 21.14 27.87 -3.89
N GLY B 96 22.26 27.20 -3.61
CA GLY B 96 22.28 25.80 -3.23
C GLY B 96 23.73 25.41 -3.05
N PHE B 97 24.01 24.17 -2.66
CA PHE B 97 25.41 23.76 -2.40
C PHE B 97 25.82 22.46 -3.09
N ILE B 98 27.13 22.21 -3.14
CA ILE B 98 27.65 20.99 -3.75
C ILE B 98 28.03 19.87 -2.79
N ALA B 99 27.46 18.71 -3.03
CA ALA B 99 27.77 17.52 -2.27
C ALA B 99 28.34 16.47 -3.20
N VAL B 100 29.33 15.77 -2.68
CA VAL B 100 29.91 14.62 -3.33
C VAL B 100 29.84 13.50 -2.31
N VAL B 101 29.24 12.38 -2.71
CA VAL B 101 28.86 11.29 -1.81
C VAL B 101 29.18 9.89 -2.37
N THR B 102 29.99 9.12 -1.68
CA THR B 102 30.32 7.78 -2.13
C THR B 102 29.12 6.85 -2.24
N GLN B 103 29.37 5.61 -2.66
CA GLN B 103 28.33 4.63 -2.89
C GLN B 103 27.87 3.98 -1.58
N ASP B 104 28.72 4.03 -0.56
CA ASP B 104 28.35 3.54 0.76
C ASP B 104 27.72 4.69 1.54
N GLY B 105 27.68 5.86 0.89
CA GLY B 105 26.87 6.97 1.33
C GLY B 105 27.62 8.02 2.11
N ASP B 106 28.90 7.78 2.32
CA ASP B 106 29.66 8.74 3.09
C ASP B 106 30.02 9.92 2.20
N MET B 107 29.68 11.09 2.73
CA MET B 107 29.78 12.36 2.06
C MET B 107 31.18 12.90 2.12
N ILE B 108 32.02 12.50 1.17
CA ILE B 108 33.43 12.91 1.15
C ILE B 108 33.62 14.41 1.04
N PHE B 109 32.68 15.12 0.43
CA PHE B 109 32.87 16.55 0.31
C PHE B 109 31.57 17.35 0.23
N LEU B 110 31.64 18.56 0.79
CA LEU B 110 30.54 19.50 0.86
C LEU B 110 31.06 20.94 0.84
N SER B 111 30.53 21.75 -0.06
CA SER B 111 30.84 23.18 -0.11
C SER B 111 30.46 23.93 1.19
N GLU B 112 31.20 25.00 1.49
CA GLU B 112 30.97 25.85 2.67
C GLU B 112 29.54 26.37 2.94
N ASN B 113 28.97 26.99 1.92
CA ASN B 113 27.72 27.73 2.11
C ASN B 113 26.54 26.87 2.47
N ILE B 114 26.78 25.57 2.65
CA ILE B 114 25.75 24.68 3.13
C ILE B 114 25.22 25.18 4.43
N SER B 115 26.10 25.76 5.26
CA SER B 115 25.62 26.28 6.53
C SER B 115 24.51 27.30 6.31
N LYS B 116 24.73 28.19 5.34
CA LYS B 116 23.74 29.15 4.88
C LYS B 116 22.38 28.48 4.62
N PHE B 117 22.38 27.32 3.98
CA PHE B 117 21.08 26.77 3.61
C PHE B 117 20.60 25.75 4.63
N MET B 118 21.52 24.95 5.13
CA MET B 118 21.15 23.85 5.99
C MET B 118 21.42 24.09 7.45
N GLY B 119 22.14 25.18 7.74
CA GLY B 119 22.56 25.43 9.12
C GLY B 119 23.86 24.70 9.41
N LEU B 120 23.83 23.37 9.19
CA LEU B 120 24.97 22.49 9.37
C LEU B 120 26.20 22.89 8.56
N THR B 121 27.34 22.96 9.25
CA THR B 121 28.61 23.30 8.62
C THR B 121 29.26 22.11 7.86
N GLN B 122 30.05 22.43 6.83
CA GLN B 122 30.89 21.42 6.18
C GLN B 122 31.66 20.60 7.21
N VAL B 123 32.22 21.32 8.18
CA VAL B 123 33.05 20.73 9.20
C VAL B 123 32.28 19.64 9.93
N GLU B 124 31.02 19.94 10.23
CA GLU B 124 30.20 19.05 11.01
C GLU B 124 29.84 17.78 10.25
N LEU B 125 30.07 17.79 8.94
CA LEU B 125 29.47 16.76 8.10
C LEU B 125 30.39 15.86 7.27
N THR B 126 31.46 16.41 6.67
CA THR B 126 32.32 15.59 5.80
C THR B 126 32.76 14.30 6.48
N GLY B 127 32.66 13.19 5.77
CA GLY B 127 33.08 11.92 6.31
C GLY B 127 31.94 11.09 6.89
N HIS B 128 30.82 11.73 7.21
CA HIS B 128 29.70 11.03 7.85
C HIS B 128 28.75 10.48 6.79
N SER B 129 27.91 9.52 7.19
CA SER B 129 27.01 8.86 6.26
C SER B 129 25.84 9.77 5.90
N ILE B 130 25.55 9.93 4.61
CA ILE B 130 24.40 10.73 4.16
C ILE B 130 23.13 10.30 4.88
N PHE B 131 23.05 9.01 5.17
CA PHE B 131 21.84 8.41 5.72
C PHE B 131 21.58 8.83 7.15
N ASP B 132 22.61 9.37 7.81
CA ASP B 132 22.46 9.79 9.18
C ASP B 132 21.85 11.20 9.23
N PHE B 133 21.73 11.85 8.08
CA PHE B 133 21.21 13.23 8.04
C PHE B 133 20.05 13.43 7.07
N THR B 134 19.51 12.32 6.60
CA THR B 134 18.42 12.35 5.66
C THR B 134 17.26 11.64 6.30
N HIS B 135 16.07 12.10 5.99
CA HIS B 135 14.86 11.41 6.39
C HIS B 135 14.96 10.01 5.88
N PRO B 136 15.03 9.02 6.77
CA PRO B 136 14.77 7.68 6.25
C PRO B 136 13.38 7.69 5.64
N CYS B 137 13.00 6.68 4.86
CA CYS B 137 11.83 6.69 3.97
C CYS B 137 12.26 7.35 2.66
N ASP B 138 13.39 8.06 2.70
CA ASP B 138 13.98 8.68 1.53
C ASP B 138 15.24 7.84 1.22
N HIS B 139 15.68 7.08 2.22
CA HIS B 139 16.86 6.22 2.12
C HIS B 139 16.93 5.23 0.97
N GLU B 140 15.85 4.49 0.70
CA GLU B 140 15.86 3.60 -0.46
C GLU B 140 16.13 4.40 -1.71
N GLU B 141 15.32 5.44 -1.91
CA GLU B 141 15.39 6.30 -3.10
C GLU B 141 16.78 6.92 -3.22
N ILE B 142 17.36 7.28 -2.08
CA ILE B 142 18.74 7.73 -2.07
C ILE B 142 19.66 6.61 -2.54
N ARG B 143 19.42 5.40 -2.05
CA ARG B 143 20.20 4.23 -2.49
C ARG B 143 20.06 4.00 -4.01
N GLU B 144 18.86 4.18 -4.55
CA GLU B 144 18.66 4.00 -5.99
C GLU B 144 19.30 5.08 -6.80
N ASN B 145 19.48 6.27 -6.25
CA ASN B 145 20.16 7.26 -7.06
C ASN B 145 21.65 7.21 -6.79
N LEU B 146 22.04 6.43 -5.78
CA LEU B 146 23.45 6.23 -5.48
C LEU B 146 24.15 5.23 -6.40
N THR B 147 23.37 4.36 -7.03
CA THR B 147 23.98 3.26 -7.78
C THR B 147 23.70 3.31 -9.29
N LEU B 148 24.56 2.63 -10.05
CA LEU B 148 24.40 2.38 -11.48
C LEU B 148 24.14 3.64 -12.31
N SER B 162 22.31 5.55 -17.84
CA SER B 162 22.36 6.98 -17.63
C SER B 162 22.97 7.31 -16.27
N THR B 163 23.74 8.39 -16.24
CA THR B 163 24.39 8.81 -15.02
C THR B 163 23.71 10.04 -14.45
N GLU B 164 22.70 10.52 -15.15
CA GLU B 164 22.06 11.75 -14.74
C GLU B 164 21.13 11.44 -13.58
N ARG B 165 21.18 12.28 -12.55
CA ARG B 165 20.36 12.08 -11.37
C ARG B 165 19.57 13.33 -11.03
N ASP B 166 18.30 13.13 -10.71
CA ASP B 166 17.42 14.23 -10.39
C ASP B 166 16.39 13.70 -9.40
N PHE B 167 16.50 14.12 -8.15
CA PHE B 167 15.54 13.66 -7.16
C PHE B 167 15.39 14.66 -6.02
N PHE B 168 14.43 14.41 -5.14
CA PHE B 168 14.24 15.28 -3.98
C PHE B 168 14.52 14.54 -2.69
N MET B 169 15.27 15.15 -1.78
CA MET B 169 15.49 14.52 -0.47
C MET B 169 15.29 15.46 0.70
N ARG B 170 14.81 14.93 1.82
CA ARG B 170 14.73 15.71 3.04
C ARG B 170 16.00 15.57 3.85
N MET B 171 16.57 16.70 4.24
CA MET B 171 17.78 16.73 5.04
C MET B 171 17.60 17.53 6.33
N LYS B 172 18.40 17.22 7.34
CA LYS B 172 18.36 17.94 8.59
C LYS B 172 18.83 19.39 8.43
N CYS B 173 17.98 20.29 8.91
CA CYS B 173 18.20 21.73 8.91
C CYS B 173 18.14 22.30 10.33
N THR B 174 19.09 23.15 10.68
CA THR B 174 19.04 23.76 11.99
C THR B 174 19.16 25.26 11.90
N VAL B 175 18.22 25.88 11.19
CA VAL B 175 18.08 27.33 11.25
C VAL B 175 16.69 27.71 11.76
N GLY B 179 13.59 33.15 12.32
CA GLY B 179 14.90 33.77 12.32
C GLY B 179 16.00 32.90 11.74
N ARG B 180 16.99 32.58 12.58
CA ARG B 180 18.13 31.73 12.22
C ARG B 180 18.58 30.77 13.34
N THR B 181 19.83 30.35 13.29
CA THR B 181 20.36 29.10 13.89
C THR B 181 19.78 28.54 15.21
N VAL B 182 19.52 27.23 15.20
CA VAL B 182 19.18 26.43 16.39
C VAL B 182 20.24 25.35 16.64
N ASN B 183 19.89 24.32 17.40
CA ASN B 183 20.75 23.17 17.56
C ASN B 183 20.07 21.92 17.04
N LEU B 184 20.84 20.84 16.99
CA LEU B 184 20.44 19.63 16.25
C LEU B 184 19.32 18.89 17.00
N LYS B 185 19.01 19.36 18.20
CA LYS B 185 18.00 18.74 19.03
C LYS B 185 16.65 18.93 18.36
N SER B 186 16.24 20.18 18.24
CA SER B 186 15.06 20.42 17.44
C SER B 186 15.58 20.85 16.09
N ALA B 187 15.86 19.82 15.30
CA ALA B 187 16.23 19.95 13.91
C ALA B 187 14.94 19.83 13.12
N THR B 188 14.94 20.36 11.91
CA THR B 188 13.73 20.31 11.14
C THR B 188 14.09 19.65 9.82
N TRP B 189 13.11 19.08 9.12
CA TRP B 189 13.37 18.47 7.82
C TRP B 189 13.23 19.51 6.71
N LYS B 190 14.30 19.68 5.94
CA LYS B 190 14.30 20.60 4.81
C LYS B 190 14.44 19.82 3.52
N VAL B 191 13.56 20.10 2.56
CA VAL B 191 13.62 19.50 1.24
C VAL B 191 14.67 20.15 0.32
N LEU B 192 15.53 19.31 -0.26
CA LEU B 192 16.55 19.68 -1.25
C LEU B 192 16.27 19.04 -2.60
N HIS B 193 16.21 19.86 -3.65
CA HIS B 193 16.25 19.35 -5.01
C HIS B 193 17.68 19.02 -5.40
N CYS B 194 17.95 17.77 -5.65
CA CYS B 194 19.30 17.36 -5.95
C CYS B 194 19.45 16.88 -7.37
N THR B 195 20.40 17.49 -8.06
CA THR B 195 20.67 17.16 -9.45
C THR B 195 22.15 17.00 -9.63
N GLY B 196 22.55 15.92 -10.28
CA GLY B 196 23.96 15.75 -10.55
C GLY B 196 24.23 14.59 -11.48
N GLN B 197 25.43 14.04 -11.34
CA GLN B 197 25.85 12.90 -12.12
C GLN B 197 26.49 11.86 -11.20
N VAL B 198 26.29 10.58 -11.52
CA VAL B 198 26.98 9.53 -10.82
C VAL B 198 28.19 9.06 -11.68
N ARG B 199 29.21 8.52 -11.04
CA ARG B 199 30.48 8.41 -11.70
C ARG B 199 31.37 7.29 -11.17
N VAL B 200 32.22 6.78 -12.06
CA VAL B 200 33.21 5.77 -11.75
C VAL B 200 34.56 6.24 -12.24
N LEU B 218 34.44 1.98 -8.33
CA LEU B 218 34.40 3.10 -7.41
C LEU B 218 32.98 3.48 -6.99
N SER B 219 32.27 4.12 -7.93
CA SER B 219 30.91 4.64 -7.84
C SER B 219 30.94 5.90 -6.98
N CYS B 220 30.13 6.90 -7.32
CA CYS B 220 30.30 8.22 -6.75
C CYS B 220 29.23 9.21 -7.21
N LEU B 221 28.66 9.96 -6.27
CA LEU B 221 27.57 10.88 -6.64
C LEU B 221 27.92 12.35 -6.47
N ILE B 222 27.81 13.12 -7.55
CA ILE B 222 28.09 14.55 -7.48
C ILE B 222 26.82 15.30 -7.74
N ILE B 223 26.35 16.00 -6.72
CA ILE B 223 25.07 16.63 -6.84
C ILE B 223 25.14 18.03 -6.31
N MET B 224 24.19 18.79 -6.79
CA MET B 224 23.86 20.13 -6.34
C MET B 224 22.50 20.07 -5.65
N CYS B 225 22.48 20.51 -4.41
CA CYS B 225 21.31 20.45 -3.57
C CYS B 225 20.82 21.87 -3.46
N GLU B 226 19.70 22.10 -4.13
CA GLU B 226 19.03 23.37 -4.28
C GLU B 226 17.82 23.41 -3.35
N PRO B 227 17.78 24.35 -2.39
CA PRO B 227 16.51 24.47 -1.64
C PRO B 227 15.42 25.11 -2.52
N ILE B 228 14.16 24.75 -2.26
CA ILE B 228 13.03 25.09 -3.13
C ILE B 228 12.40 26.45 -2.84
N GLN B 229 12.63 26.96 -1.65
CA GLN B 229 12.12 28.26 -1.17
C GLN B 229 10.66 28.23 -0.84
N HIS B 230 10.37 28.80 0.32
CA HIS B 230 9.04 28.74 0.90
C HIS B 230 8.38 30.06 0.55
N PRO B 231 7.22 30.00 -0.14
CA PRO B 231 6.62 31.19 -0.77
C PRO B 231 6.32 32.36 0.19
N SER B 232 5.87 32.08 1.41
CA SER B 232 5.66 33.18 2.33
C SER B 232 7.01 33.79 2.77
N HIS B 233 8.11 33.05 2.69
CA HIS B 233 9.30 33.73 3.10
C HIS B 233 10.34 33.73 1.97
N MET B 234 10.17 34.72 1.10
CA MET B 234 10.98 34.99 -0.08
C MET B 234 12.27 35.71 0.25
N ASP B 235 13.22 35.61 -0.68
CA ASP B 235 14.51 36.27 -0.61
C ASP B 235 14.86 36.80 -2.01
N ILE B 236 14.13 36.33 -3.01
CA ILE B 236 14.23 36.89 -4.36
C ILE B 236 13.01 37.64 -4.84
N PRO B 237 13.26 38.59 -5.74
CA PRO B 237 12.18 39.30 -6.43
C PRO B 237 11.47 38.36 -7.37
N LEU B 238 10.32 38.77 -7.87
CA LEU B 238 9.50 37.96 -8.77
C LEU B 238 9.24 38.80 -10.01
N ASP B 239 8.89 38.14 -11.11
CA ASP B 239 8.76 38.83 -12.39
C ASP B 239 7.29 39.05 -12.74
N SER B 240 7.09 39.65 -13.90
CA SER B 240 5.77 39.78 -14.49
C SER B 240 5.35 38.47 -15.15
N LYS B 241 6.32 37.61 -15.48
CA LYS B 241 6.00 36.34 -16.11
C LYS B 241 5.90 35.21 -15.09
N THR B 242 5.48 35.56 -13.89
CA THR B 242 5.39 34.61 -12.81
C THR B 242 4.13 34.86 -12.03
N PHE B 243 3.24 33.88 -11.98
CA PHE B 243 2.05 34.06 -11.17
C PHE B 243 1.99 33.06 -10.03
N LEU B 244 1.10 33.34 -9.09
CA LEU B 244 1.13 32.68 -7.80
C LEU B 244 -0.25 32.13 -7.49
N SER B 245 -0.32 30.96 -6.85
CA SER B 245 -1.63 30.32 -6.71
C SER B 245 -1.72 29.36 -5.55
N ARG B 246 -2.95 29.06 -5.16
CA ARG B 246 -3.22 28.26 -3.99
C ARG B 246 -4.13 27.10 -4.37
N HIS B 247 -3.89 25.94 -3.77
CA HIS B 247 -4.69 24.78 -4.10
C HIS B 247 -5.09 23.99 -2.89
N SER B 248 -6.17 23.24 -3.05
CA SER B 248 -6.47 22.22 -2.07
C SER B 248 -5.41 21.16 -2.29
N MET B 249 -5.43 20.13 -1.46
CA MET B 249 -4.52 19.02 -1.63
C MET B 249 -4.83 18.30 -2.93
N ASP B 250 -5.99 18.60 -3.50
CA ASP B 250 -6.44 17.99 -4.75
C ASP B 250 -5.74 18.67 -5.93
N MET B 251 -4.96 19.71 -5.63
CA MET B 251 -4.51 20.65 -6.63
C MET B 251 -5.73 21.30 -7.28
N LYS B 252 -6.81 21.43 -6.54
CA LYS B 252 -7.91 22.21 -7.07
C LYS B 252 -7.54 23.63 -6.82
N PHE B 253 -7.81 24.49 -7.77
CA PHE B 253 -7.52 25.86 -7.53
C PHE B 253 -8.43 26.32 -6.42
N THR B 254 -7.88 27.04 -5.47
CA THR B 254 -8.68 27.62 -4.41
C THR B 254 -8.47 29.10 -4.50
N TYR B 255 -7.28 29.46 -4.95
CA TYR B 255 -6.88 30.86 -5.19
C TYR B 255 -5.88 30.96 -6.34
N CYS B 256 -5.89 32.13 -6.98
CA CYS B 256 -4.86 32.49 -7.92
C CYS B 256 -4.81 34.03 -8.02
N ASP B 257 -3.65 34.57 -8.32
CA ASP B 257 -3.53 36.02 -8.34
C ASP B 257 -3.97 36.52 -9.71
N ASP B 258 -3.97 37.84 -9.90
CA ASP B 258 -4.56 38.37 -11.11
C ASP B 258 -3.45 38.68 -12.10
N ARG B 259 -2.37 37.93 -11.99
CA ARG B 259 -1.36 37.88 -13.03
C ARG B 259 -1.72 36.82 -14.07
N ILE B 260 -2.60 35.89 -13.70
CA ILE B 260 -3.07 34.87 -14.63
C ILE B 260 -3.49 35.44 -15.93
N LEU B 261 -4.41 36.38 -15.79
CA LEU B 261 -5.15 36.94 -16.89
C LEU B 261 -4.24 37.46 -18.00
N GLU B 262 -3.23 38.24 -17.62
CA GLU B 262 -2.26 38.80 -18.57
C GLU B 262 -1.35 37.71 -19.13
N LEU B 263 -1.21 36.64 -18.38
CA LEU B 263 -0.20 35.64 -18.69
C LEU B 263 -0.77 34.50 -19.50
N ILE B 264 -1.92 33.97 -19.09
CA ILE B 264 -2.57 32.91 -19.86
C ILE B 264 -4.07 33.08 -20.21
N GLY B 265 -4.73 34.10 -19.69
CA GLY B 265 -6.02 34.49 -20.24
C GLY B 265 -7.22 34.22 -19.37
N TYR B 266 -7.02 33.49 -18.28
CA TYR B 266 -8.11 33.21 -17.36
C TYR B 266 -8.30 34.28 -16.29
N HIS B 267 -9.56 34.49 -15.90
CA HIS B 267 -9.86 35.20 -14.65
C HIS B 267 -9.71 34.21 -13.52
N PRO B 268 -9.13 34.64 -12.39
CA PRO B 268 -8.93 33.69 -11.29
C PRO B 268 -10.24 33.05 -10.86
N GLU B 269 -11.30 33.86 -10.87
CA GLU B 269 -12.66 33.44 -10.51
C GLU B 269 -13.06 32.13 -11.17
N GLU B 270 -12.62 31.98 -12.42
CA GLU B 270 -12.93 30.85 -13.28
C GLU B 270 -12.41 29.50 -12.79
N LEU B 271 -11.24 29.50 -12.15
CA LEU B 271 -10.55 28.25 -11.84
C LEU B 271 -10.90 27.58 -10.51
N LEU B 272 -11.73 28.23 -9.72
CA LEU B 272 -11.96 27.78 -8.34
C LEU B 272 -12.41 26.33 -8.23
N GLY B 273 -13.37 25.92 -9.03
CA GLY B 273 -13.83 24.56 -8.82
C GLY B 273 -12.81 23.58 -9.33
N ARG B 274 -11.87 24.08 -10.10
CA ARG B 274 -11.17 23.21 -11.03
C ARG B 274 -9.90 22.61 -10.46
N SER B 275 -9.75 21.32 -10.68
CA SER B 275 -8.50 20.68 -10.36
C SER B 275 -7.51 21.14 -11.43
N ALA B 276 -6.23 21.20 -11.07
CA ALA B 276 -5.19 21.65 -11.99
C ALA B 276 -5.04 20.72 -13.21
N TYR B 277 -5.40 19.45 -13.03
CA TYR B 277 -5.19 18.44 -14.07
C TYR B 277 -6.03 18.70 -15.29
N GLU B 278 -7.12 19.44 -15.11
CA GLU B 278 -7.97 19.83 -16.22
C GLU B 278 -7.22 20.67 -17.26
N PHE B 279 -6.10 21.26 -16.85
CA PHE B 279 -5.41 22.23 -17.69
C PHE B 279 -4.02 21.78 -18.17
N TYR B 280 -3.62 20.58 -17.81
CA TYR B 280 -2.36 20.09 -18.34
C TYR B 280 -2.56 19.48 -19.71
N HIS B 281 -1.57 19.64 -20.56
CA HIS B 281 -1.52 18.87 -21.79
C HIS B 281 -1.46 17.43 -21.33
N ALA B 282 -2.20 16.55 -22.01
CA ALA B 282 -2.20 15.14 -21.63
C ALA B 282 -0.77 14.59 -21.54
N LEU B 283 0.08 15.00 -22.48
CA LEU B 283 1.49 14.58 -22.51
C LEU B 283 2.26 14.84 -21.20
N ASP B 284 1.72 15.68 -20.32
CA ASP B 284 2.42 16.01 -19.09
C ASP B 284 1.80 15.48 -17.83
N SER B 285 0.54 15.06 -17.94
CA SER B 285 -0.18 14.56 -16.77
C SER B 285 0.68 13.67 -15.87
N GLU B 286 1.23 12.57 -16.37
CA GLU B 286 1.96 11.64 -15.48
C GLU B 286 3.13 12.29 -14.74
N ASN B 287 3.87 13.15 -15.43
CA ASN B 287 5.02 13.83 -14.86
C ASN B 287 4.50 14.64 -13.66
N MET B 288 3.37 15.27 -13.91
CA MET B 288 2.70 16.06 -12.89
C MET B 288 2.32 15.18 -11.73
N THR B 289 1.78 14.01 -12.03
CA THR B 289 1.44 13.00 -11.04
C THR B 289 2.63 12.79 -10.13
N LYS B 290 3.79 12.52 -10.73
CA LYS B 290 5.02 12.31 -9.97
C LYS B 290 5.25 13.45 -8.99
N SER B 291 5.19 14.67 -9.53
CA SER B 291 5.38 15.87 -8.73
C SER B 291 4.44 15.92 -7.54
N HIS B 292 3.16 15.69 -7.78
CA HIS B 292 2.13 15.66 -6.74
C HIS B 292 2.48 14.70 -5.62
N GLN B 293 2.72 13.45 -6.00
CA GLN B 293 3.13 12.38 -5.11
C GLN B 293 4.25 12.85 -4.19
N ASN B 294 5.27 13.42 -4.82
CA ASN B 294 6.44 13.90 -4.11
C ASN B 294 6.19 15.08 -3.22
N LEU B 295 5.37 16.00 -3.69
CA LEU B 295 5.00 17.18 -2.96
C LEU B 295 4.41 16.76 -1.65
N CYS B 296 3.62 15.70 -1.70
CA CYS B 296 2.90 15.21 -0.53
C CYS B 296 3.81 14.45 0.41
N THR B 297 4.50 13.45 -0.13
CA THR B 297 5.41 12.68 0.68
C THR B 297 6.50 13.57 1.35
N LYS B 298 7.12 14.46 0.56
CA LYS B 298 8.29 15.20 1.01
C LYS B 298 7.94 16.58 1.50
N GLY B 299 6.90 17.16 0.92
CA GLY B 299 6.46 18.47 1.39
C GLY B 299 6.67 19.60 0.41
N GLN B 300 7.65 19.45 -0.49
CA GLN B 300 7.91 20.45 -1.55
C GLN B 300 8.31 19.76 -2.85
N VAL B 301 8.08 20.42 -3.99
CA VAL B 301 8.62 20.00 -5.28
C VAL B 301 8.91 21.17 -6.21
N VAL B 302 9.83 20.94 -7.14
CA VAL B 302 9.92 21.71 -8.38
C VAL B 302 9.52 20.76 -9.50
N SER B 303 8.54 21.17 -10.30
CA SER B 303 8.10 20.36 -11.43
C SER B 303 9.04 20.54 -12.60
N GLY B 304 8.98 19.62 -13.55
CA GLY B 304 9.68 19.82 -14.81
C GLY B 304 8.99 20.88 -15.65
N GLN B 305 9.48 21.10 -16.87
CA GLN B 305 8.75 22.01 -17.75
C GLN B 305 7.48 21.30 -18.22
N TYR B 306 6.34 21.98 -18.23
CA TYR B 306 5.12 21.37 -18.76
C TYR B 306 4.16 22.41 -19.31
N ARG B 307 3.28 22.02 -20.24
CA ARG B 307 2.35 22.95 -20.86
C ARG B 307 1.08 23.08 -20.06
N MET B 308 0.61 24.30 -19.86
CA MET B 308 -0.75 24.52 -19.37
C MET B 308 -1.61 25.12 -20.47
N LEU B 309 -2.82 24.59 -20.62
CA LEU B 309 -3.71 25.08 -21.64
C LEU B 309 -4.13 26.52 -21.35
N ALA B 310 -4.16 27.36 -22.38
CA ALA B 310 -4.50 28.78 -22.21
C ALA B 310 -5.98 29.04 -22.46
N LYS B 311 -6.48 30.21 -22.09
CA LYS B 311 -7.91 30.49 -22.11
C LYS B 311 -8.60 30.26 -23.47
N HIS B 312 -7.90 30.55 -24.55
CA HIS B 312 -8.30 30.07 -25.88
C HIS B 312 -7.21 29.17 -26.44
N GLY B 313 -7.19 29.00 -27.76
CA GLY B 313 -6.32 27.99 -28.36
C GLY B 313 -4.90 27.91 -27.83
N GLY B 314 -4.38 26.70 -27.78
CA GLY B 314 -3.00 26.50 -27.44
C GLY B 314 -2.69 26.61 -25.98
N TYR B 315 -1.39 26.65 -25.69
CA TYR B 315 -0.91 26.58 -24.33
C TYR B 315 0.34 27.43 -24.12
N VAL B 316 0.75 27.60 -22.87
CA VAL B 316 2.08 28.15 -22.58
C VAL B 316 2.89 27.17 -21.75
N TRP B 317 4.21 27.31 -21.79
CA TRP B 317 5.05 26.46 -20.97
C TRP B 317 5.27 27.01 -19.58
N LEU B 318 5.41 26.11 -18.63
CA LEU B 318 5.46 26.44 -17.21
C LEU B 318 6.46 25.64 -16.41
N GLU B 319 6.79 26.21 -15.26
CA GLU B 319 7.45 25.46 -14.22
C GLU B 319 6.91 25.92 -12.88
N THR B 320 6.48 24.97 -12.07
CA THR B 320 5.86 25.27 -10.82
C THR B 320 6.61 24.66 -9.65
N GLN B 321 6.94 25.51 -8.68
CA GLN B 321 7.40 25.05 -7.38
C GLN B 321 6.24 25.02 -6.39
N GLY B 322 6.00 23.85 -5.83
CA GLY B 322 4.89 23.67 -4.93
C GLY B 322 5.40 23.38 -3.53
N THR B 323 4.78 24.05 -2.58
CA THR B 323 5.08 23.86 -1.16
C THR B 323 3.81 23.58 -0.37
N VAL B 324 3.75 22.44 0.32
CA VAL B 324 2.65 22.24 1.25
C VAL B 324 2.79 23.21 2.40
N ILE B 325 1.76 24.00 2.67
CA ILE B 325 1.88 24.92 3.80
C ILE B 325 1.02 24.46 4.94
N TYR B 326 1.51 24.69 6.14
CA TYR B 326 0.88 24.18 7.32
C TYR B 326 0.20 25.21 8.19
N ASN B 327 -0.92 24.81 8.77
CA ASN B 327 -1.52 25.58 9.80
C ASN B 327 -0.54 25.67 10.96
N PRO B 328 -0.21 26.89 11.37
CA PRO B 328 0.82 27.05 12.41
C PRO B 328 0.34 26.57 13.77
N ARG B 329 -0.90 26.90 14.12
CA ARG B 329 -1.46 26.48 15.38
C ARG B 329 -2.17 25.17 15.37
N ASN B 330 -2.09 24.46 14.26
CA ASN B 330 -2.94 23.31 14.14
C ASN B 330 -2.02 22.20 13.69
N LEU B 331 -0.95 22.60 13.01
CA LEU B 331 0.11 21.73 12.52
C LEU B 331 -0.46 20.73 11.54
N GLN B 332 -1.58 21.09 10.93
CA GLN B 332 -2.13 20.27 9.87
C GLN B 332 -1.86 20.99 8.59
N PRO B 333 -1.84 20.24 7.50
CA PRO B 333 -1.72 20.84 6.18
C PRO B 333 -2.88 21.78 5.94
N GLN B 334 -2.69 22.70 5.01
CA GLN B 334 -3.68 23.70 4.72
C GLN B 334 -3.99 23.73 3.26
N CYS B 335 -2.94 23.99 2.50
CA CYS B 335 -3.08 24.14 1.09
C CYS B 335 -1.74 23.92 0.46
N ILE B 336 -1.70 24.11 -0.84
CA ILE B 336 -0.46 24.06 -1.59
C ILE B 336 -0.26 25.45 -2.14
N MET B 337 0.93 26.01 -1.95
CA MET B 337 1.21 27.28 -2.60
C MET B 337 2.15 27.06 -3.75
N CYS B 338 1.81 27.65 -4.89
CA CYS B 338 2.53 27.43 -6.13
C CYS B 338 3.07 28.68 -6.75
N VAL B 339 4.38 28.79 -6.74
CA VAL B 339 5.01 29.78 -7.54
C VAL B 339 5.11 29.16 -8.92
N ASN B 340 4.39 29.75 -9.85
CA ASN B 340 4.30 29.27 -11.20
C ASN B 340 5.04 30.20 -12.13
N TYR B 341 6.17 29.71 -12.64
CA TYR B 341 6.97 30.43 -13.63
C TYR B 341 6.58 30.14 -15.06
N VAL B 342 5.99 31.13 -15.71
CA VAL B 342 5.64 31.07 -17.12
C VAL B 342 6.90 31.19 -17.96
N LEU B 343 7.11 30.25 -18.87
CA LEU B 343 8.39 30.21 -19.55
C LEU B 343 8.25 30.61 -20.98
N SER B 344 7.02 30.85 -21.43
CA SER B 344 6.82 31.16 -22.83
C SER B 344 5.56 31.95 -23.10
N GLU B 345 5.30 32.17 -24.38
CA GLU B 345 4.01 32.67 -24.81
C GLU B 345 3.11 31.54 -25.30
N ILE B 346 1.84 31.85 -25.53
CA ILE B 346 0.94 30.82 -26.03
C ILE B 346 1.57 30.35 -27.32
N GLU B 347 1.82 29.05 -27.42
CA GLU B 347 2.58 28.53 -28.54
C GLU B 347 1.68 28.34 -29.72
N LYS B 348 0.66 27.52 -29.55
CA LYS B 348 -0.27 27.30 -30.63
C LYS B 348 -1.47 28.19 -30.40
N ASN B 349 -1.71 29.18 -31.25
CA ASN B 349 -2.86 30.00 -30.98
C ASN B 349 -4.08 29.53 -31.77
N ASP B 350 -3.80 29.15 -33.01
CA ASP B 350 -4.73 28.43 -33.85
C ASP B 350 -5.36 27.15 -33.28
N VAL B 351 -4.64 26.42 -32.43
CA VAL B 351 -5.09 25.10 -32.00
C VAL B 351 -5.82 25.04 -30.65
N VAL B 352 -7.01 24.44 -30.68
CA VAL B 352 -7.87 24.29 -29.51
C VAL B 352 -7.81 22.87 -28.94
N PHE B 353 -7.53 22.75 -27.64
CA PHE B 353 -7.28 21.44 -27.01
C PHE B 353 -8.40 20.97 -26.07
N SER B 354 -9.06 21.89 -25.38
CA SER B 354 -10.06 21.51 -24.37
C SER B 354 -11.44 22.14 -24.59
N MET B 355 -12.42 21.74 -23.79
CA MET B 355 -13.79 22.23 -23.93
C MET B 355 -13.97 23.74 -23.70
N ASP B 356 -13.32 24.26 -22.67
CA ASP B 356 -13.41 25.68 -22.31
C ASP B 356 -12.91 26.61 -23.41
N GLN B 357 -11.87 26.18 -24.12
CA GLN B 357 -11.28 26.96 -25.18
C GLN B 357 -12.21 27.11 -26.40
N THR B 358 -13.22 26.25 -26.48
CA THR B 358 -14.19 26.28 -27.58
C THR B 358 -15.25 27.38 -27.45
N GLU B 359 -15.54 27.81 -26.22
CA GLU B 359 -16.56 28.82 -25.98
C GLU B 359 -16.22 30.09 -26.75
N SER B 360 -17.20 30.97 -26.89
CA SER B 360 -17.03 32.25 -27.57
C SER B 360 -16.75 32.09 -29.06
N GLU C 18 -36.88 -9.87 -24.87
CA GLU C 18 -36.34 -8.56 -25.26
C GLU C 18 -37.12 -7.44 -24.58
N ARG C 19 -38.32 -7.75 -24.12
CA ARG C 19 -39.22 -6.74 -23.58
C ARG C 19 -39.49 -6.92 -22.08
N ARG C 20 -38.81 -7.87 -21.46
CA ARG C 20 -38.98 -8.10 -20.04
C ARG C 20 -38.14 -7.06 -19.31
N ARG C 21 -37.44 -6.24 -20.09
CA ARG C 21 -36.84 -5.03 -19.55
C ARG C 21 -37.98 -4.25 -18.89
N ARG C 22 -39.09 -4.19 -19.61
CA ARG C 22 -40.26 -3.39 -19.31
C ARG C 22 -40.96 -3.67 -17.98
N ASN C 23 -41.30 -4.92 -17.76
CA ASN C 23 -42.13 -5.28 -16.61
C ASN C 23 -41.39 -5.56 -15.32
N LYS C 24 -40.08 -5.76 -15.41
CA LYS C 24 -39.30 -5.88 -14.19
C LYS C 24 -38.67 -4.51 -13.94
N MET C 25 -38.74 -3.63 -14.94
CA MET C 25 -38.47 -2.22 -14.71
C MET C 25 -39.63 -1.61 -13.96
N THR C 26 -40.82 -2.00 -14.39
CA THR C 26 -42.04 -1.56 -13.74
C THR C 26 -42.13 -2.19 -12.37
N ALA C 27 -41.66 -3.43 -12.25
CA ALA C 27 -41.53 -4.03 -10.94
C ALA C 27 -40.58 -3.20 -10.06
N TYR C 28 -39.42 -2.84 -10.61
CA TYR C 28 -38.47 -2.01 -9.87
C TYR C 28 -39.11 -0.73 -9.37
N ILE C 29 -39.81 -0.05 -10.26
CA ILE C 29 -40.34 1.25 -9.93
C ILE C 29 -41.47 1.12 -8.90
N THR C 30 -42.30 0.09 -9.02
CA THR C 30 -43.35 -0.13 -8.03
C THR C 30 -42.70 -0.38 -6.68
N GLU C 31 -41.97 -1.48 -6.57
CA GLU C 31 -41.30 -1.87 -5.33
C GLU C 31 -40.64 -0.69 -4.64
N LEU C 32 -39.91 0.08 -5.43
CA LEU C 32 -39.21 1.22 -4.89
C LEU C 32 -40.23 2.19 -4.31
N SER C 33 -41.26 2.53 -5.09
CA SER C 33 -42.31 3.42 -4.63
C SER C 33 -42.93 2.96 -3.31
N ASP C 34 -43.04 1.63 -3.16
CA ASP C 34 -43.68 1.04 -2.00
C ASP C 34 -42.69 1.06 -0.87
N MET C 35 -41.45 1.37 -1.21
CA MET C 35 -40.41 1.45 -0.21
C MET C 35 -40.15 2.88 0.27
N VAL C 36 -40.61 3.85 -0.52
CA VAL C 36 -40.61 5.27 -0.15
C VAL C 36 -41.88 5.65 0.60
N PRO C 37 -41.75 6.01 1.89
CA PRO C 37 -42.89 6.28 2.78
C PRO C 37 -43.74 7.46 2.31
N THR C 38 -43.09 8.55 1.90
CA THR C 38 -43.79 9.78 1.55
C THR C 38 -44.40 9.68 0.14
N CYS C 39 -44.18 8.52 -0.48
CA CYS C 39 -44.87 8.17 -1.72
C CYS C 39 -45.87 7.03 -1.52
N SER C 40 -45.41 5.94 -0.89
CA SER C 40 -46.31 4.88 -0.45
C SER C 40 -47.54 5.51 0.18
N ALA C 41 -47.33 6.62 0.88
CA ALA C 41 -48.41 7.39 1.49
C ALA C 41 -49.17 8.25 0.49
N LEU C 42 -49.39 7.75 -0.73
CA LEU C 42 -50.19 8.47 -1.73
C LEU C 42 -51.23 7.54 -2.35
N ALA C 43 -52.44 8.05 -2.54
CA ALA C 43 -53.56 7.26 -3.04
C ALA C 43 -53.48 6.98 -4.53
N ARG C 44 -53.07 7.98 -5.29
CA ARG C 44 -52.86 7.80 -6.72
C ARG C 44 -51.39 7.79 -7.03
N LYS C 45 -51.02 7.04 -8.06
CA LYS C 45 -49.63 6.81 -8.41
C LYS C 45 -49.21 7.60 -9.65
N PRO C 46 -48.15 8.44 -9.50
CA PRO C 46 -47.58 9.38 -10.48
C PRO C 46 -46.74 8.69 -11.57
N ASP C 47 -46.19 9.45 -12.53
CA ASP C 47 -45.46 8.81 -13.63
C ASP C 47 -44.09 8.38 -13.14
N LYS C 48 -43.36 7.65 -13.99
CA LYS C 48 -42.01 7.25 -13.66
C LYS C 48 -41.19 8.44 -13.20
N LEU C 49 -41.29 9.53 -13.93
CA LEU C 49 -40.34 10.63 -13.81
C LEU C 49 -40.57 11.26 -12.45
N THR C 50 -41.84 11.32 -12.08
CA THR C 50 -42.26 11.93 -10.83
C THR C 50 -41.81 11.11 -9.62
N ILE C 51 -42.06 9.80 -9.68
CA ILE C 51 -41.63 8.88 -8.63
C ILE C 51 -40.14 8.96 -8.47
N LEU C 52 -39.49 9.15 -9.60
CA LEU C 52 -38.07 9.26 -9.63
C LEU C 52 -37.69 10.50 -8.83
N ARG C 53 -38.31 11.64 -9.12
CA ARG C 53 -37.99 12.85 -8.35
C ARG C 53 -38.28 12.62 -6.88
N MET C 54 -39.25 11.78 -6.59
CA MET C 54 -39.60 11.51 -5.19
C MET C 54 -38.51 10.77 -4.44
N ALA C 55 -38.05 9.66 -5.01
CA ALA C 55 -36.98 8.90 -4.38
C ALA C 55 -35.72 9.75 -4.28
N VAL C 56 -35.40 10.50 -5.33
CA VAL C 56 -34.21 11.35 -5.32
C VAL C 56 -34.31 12.31 -4.15
N SER C 57 -35.41 13.07 -4.10
CA SER C 57 -35.66 14.02 -3.03
C SER C 57 -35.61 13.32 -1.67
N HIS C 58 -35.89 12.02 -1.65
CA HIS C 58 -35.81 11.30 -0.41
C HIS C 58 -34.37 10.99 0.04
N MET C 59 -33.54 10.58 -0.93
CA MET C 59 -32.14 10.28 -0.63
C MET C 59 -31.36 11.53 -0.30
N LYS C 60 -31.49 12.52 -1.18
CA LYS C 60 -30.89 13.83 -0.99
C LYS C 60 -31.16 14.28 0.44
N SER C 61 -32.42 14.27 0.81
CA SER C 61 -32.82 14.48 2.19
C SER C 61 -32.26 13.40 3.14
N THR C 80 -23.28 5.09 6.11
CA THR C 80 -22.22 4.16 5.76
C THR C 80 -21.33 3.91 6.97
N ASP C 81 -21.71 4.46 8.13
CA ASP C 81 -20.81 4.53 9.28
C ASP C 81 -21.15 3.68 10.51
N GLN C 82 -22.11 4.15 11.28
CA GLN C 82 -22.46 3.56 12.56
C GLN C 82 -23.10 2.26 12.23
N GLU C 83 -23.71 2.30 11.07
CA GLU C 83 -24.41 1.19 10.50
C GLU C 83 -23.44 0.16 10.00
N LEU C 84 -22.31 0.63 9.51
CA LEU C 84 -21.24 -0.28 9.14
C LEU C 84 -20.73 -1.03 10.36
N LYS C 85 -20.40 -0.27 11.40
CA LYS C 85 -19.99 -0.84 12.67
C LYS C 85 -20.96 -1.88 13.20
N HIS C 86 -22.24 -1.55 13.22
CA HIS C 86 -23.14 -2.45 13.89
C HIS C 86 -23.40 -3.68 13.02
N LEU C 87 -23.27 -3.48 11.71
CA LEU C 87 -23.27 -4.58 10.76
C LEU C 87 -22.15 -5.60 11.07
N ILE C 88 -20.95 -5.07 11.30
CA ILE C 88 -19.85 -5.85 11.86
C ILE C 88 -20.24 -6.58 13.15
N LEU C 89 -20.90 -5.88 14.05
CA LEU C 89 -21.19 -6.49 15.34
C LEU C 89 -22.23 -7.62 15.21
N GLU C 90 -23.04 -7.54 14.17
CA GLU C 90 -24.11 -8.50 13.97
C GLU C 90 -23.67 -9.74 13.23
N ALA C 91 -22.92 -9.54 12.15
CA ALA C 91 -22.44 -10.69 11.37
C ALA C 91 -21.28 -11.40 12.08
N ALA C 92 -20.20 -10.67 12.29
CA ALA C 92 -18.95 -11.24 12.80
C ALA C 92 -18.87 -11.19 14.33
N ASP C 93 -19.70 -10.34 14.92
CA ASP C 93 -19.74 -10.11 16.36
C ASP C 93 -18.39 -9.52 16.82
N GLY C 94 -17.87 -8.58 16.03
CA GLY C 94 -16.56 -7.99 16.29
C GLY C 94 -16.51 -6.49 16.46
N PHE C 95 -15.35 -5.99 16.88
CA PHE C 95 -15.18 -4.57 17.19
C PHE C 95 -13.83 -4.04 16.71
N LEU C 96 -13.79 -2.78 16.29
CA LEU C 96 -12.56 -2.19 15.77
C LEU C 96 -11.77 -1.55 16.90
N PHE C 97 -10.45 -1.62 16.80
CA PHE C 97 -9.59 -0.94 17.76
C PHE C 97 -8.31 -0.53 17.09
N ILE C 98 -7.83 0.67 17.46
CA ILE C 98 -6.51 1.12 17.04
C ILE C 98 -5.59 1.07 18.23
N VAL C 99 -4.40 0.52 17.99
CA VAL C 99 -3.39 0.28 19.02
C VAL C 99 -2.01 0.79 18.57
N SER C 100 -1.24 1.40 19.47
CA SER C 100 0.10 1.86 19.14
C SER C 100 1.02 0.68 18.83
N CYS C 101 1.78 0.76 17.74
CA CYS C 101 2.69 -0.33 17.38
C CYS C 101 4.00 -0.41 18.17
N GLU C 102 4.40 0.68 18.80
CA GLU C 102 5.58 0.72 19.68
C GLU C 102 5.20 0.19 21.05
N THR C 103 4.23 0.82 21.69
CA THR C 103 3.88 0.50 23.06
C THR C 103 2.87 -0.63 23.14
N GLY C 104 1.98 -0.70 22.15
CA GLY C 104 0.90 -1.67 22.18
C GLY C 104 -0.30 -1.04 22.84
N ARG C 105 -0.15 0.23 23.20
CA ARG C 105 -1.20 0.91 23.93
C ARG C 105 -2.32 1.30 22.98
N VAL C 106 -3.53 1.20 23.49
CA VAL C 106 -4.71 1.46 22.68
C VAL C 106 -5.03 2.93 22.47
N VAL C 107 -4.94 3.33 21.21
CA VAL C 107 -5.44 4.63 20.77
C VAL C 107 -6.98 4.69 20.85
N TYR C 108 -7.66 3.72 20.26
CA TYR C 108 -9.11 3.82 20.21
C TYR C 108 -9.76 2.48 20.36
N VAL C 109 -10.90 2.47 21.02
CA VAL C 109 -11.67 1.25 21.16
C VAL C 109 -13.14 1.56 20.90
N SER C 110 -13.75 0.70 20.08
CA SER C 110 -15.15 0.83 19.69
C SER C 110 -16.06 0.44 20.86
N ASP C 111 -17.26 1.03 20.92
CA ASP C 111 -18.27 0.67 21.91
C ASP C 111 -18.69 -0.80 21.77
N SER C 112 -18.52 -1.35 20.57
CA SER C 112 -18.86 -2.73 20.36
C SER C 112 -18.05 -3.65 21.25
N VAL C 113 -16.98 -3.12 21.86
CA VAL C 113 -16.18 -3.86 22.83
C VAL C 113 -17.01 -4.41 23.99
N THR C 114 -18.05 -3.68 24.39
CA THR C 114 -18.82 -4.16 25.53
C THR C 114 -19.69 -5.36 25.19
N PRO C 115 -20.57 -5.25 24.17
CA PRO C 115 -21.33 -6.47 23.81
C PRO C 115 -20.46 -7.66 23.41
N VAL C 116 -19.28 -7.40 22.85
CA VAL C 116 -18.33 -8.45 22.54
C VAL C 116 -17.62 -9.07 23.76
N LEU C 117 -16.85 -8.29 24.50
CA LEU C 117 -16.05 -8.88 25.56
C LEU C 117 -16.66 -8.83 26.95
N ASN C 118 -17.89 -8.33 27.07
CA ASN C 118 -18.36 -7.97 28.40
C ASN C 118 -17.27 -7.09 29.00
N GLN C 119 -17.01 -5.96 28.35
CA GLN C 119 -15.92 -5.08 28.80
C GLN C 119 -16.19 -3.60 28.59
N PRO C 120 -15.98 -2.79 29.66
CA PRO C 120 -16.13 -1.33 29.57
C PRO C 120 -15.05 -0.67 28.71
N GLN C 121 -15.47 0.33 27.95
CA GLN C 121 -14.61 1.02 27.00
C GLN C 121 -13.41 1.66 27.67
N SER C 122 -13.67 2.29 28.81
CA SER C 122 -12.69 2.72 29.79
C SER C 122 -11.56 1.74 29.93
N GLU C 123 -11.95 0.52 30.25
CA GLU C 123 -11.01 -0.45 30.73
C GLU C 123 -9.88 -0.67 29.76
N TRP C 124 -10.17 -0.61 28.47
CA TRP C 124 -9.11 -0.91 27.53
C TRP C 124 -8.63 0.41 26.92
N PHE C 125 -9.07 1.50 27.54
CA PHE C 125 -8.64 2.83 27.13
C PHE C 125 -7.58 3.29 28.10
N GLY C 126 -7.65 2.85 29.36
CA GLY C 126 -6.55 3.07 30.27
C GLY C 126 -5.41 2.09 30.02
N SER C 127 -5.53 1.32 28.94
CA SER C 127 -4.68 0.15 28.73
C SER C 127 -3.80 0.05 27.47
N THR C 128 -2.83 -0.85 27.57
CA THR C 128 -2.04 -1.34 26.44
C THR C 128 -2.51 -2.77 26.13
N LEU C 129 -2.59 -3.12 24.85
CA LEU C 129 -3.21 -4.39 24.44
C LEU C 129 -2.61 -5.60 25.12
N TYR C 130 -1.35 -5.48 25.50
CA TYR C 130 -0.69 -6.51 26.25
C TYR C 130 -1.38 -6.78 27.58
N ASP C 131 -1.94 -5.75 28.20
CA ASP C 131 -2.61 -5.98 29.46
C ASP C 131 -3.85 -6.82 29.23
N GLN C 132 -4.36 -6.80 28.01
CA GLN C 132 -5.65 -7.44 27.78
C GLN C 132 -5.61 -8.76 27.04
N VAL C 133 -4.43 -9.25 26.66
CA VAL C 133 -4.38 -10.57 26.06
C VAL C 133 -3.93 -11.56 27.13
N HIS C 134 -3.86 -12.82 26.76
CA HIS C 134 -3.35 -13.85 27.63
C HIS C 134 -1.85 -13.64 27.78
N PRO C 135 -1.31 -13.84 28.99
CA PRO C 135 0.14 -13.72 29.22
C PRO C 135 0.92 -14.47 28.14
N ASP C 136 0.47 -15.68 27.83
CA ASP C 136 1.09 -16.50 26.79
C ASP C 136 0.90 -15.96 25.37
N ASP C 137 -0.07 -15.09 25.16
CA ASP C 137 -0.22 -14.57 23.81
C ASP C 137 0.68 -13.40 23.63
N VAL C 138 1.45 -13.04 24.66
CA VAL C 138 2.17 -11.80 24.50
C VAL C 138 3.31 -11.82 23.43
N ASP C 139 4.25 -12.75 23.49
CA ASP C 139 5.36 -12.71 22.53
C ASP C 139 4.90 -12.84 21.08
N LYS C 140 3.99 -13.76 20.83
CA LYS C 140 3.30 -13.86 19.53
C LYS C 140 2.92 -12.48 19.05
N LEU C 141 2.24 -11.77 19.94
CA LEU C 141 1.74 -10.44 19.66
C LEU C 141 2.85 -9.44 19.40
N ARG C 142 3.97 -9.56 20.13
CA ARG C 142 5.11 -8.69 19.89
C ARG C 142 5.50 -8.67 18.43
N GLU C 143 5.24 -9.78 17.75
CA GLU C 143 5.74 -9.88 16.39
C GLU C 143 4.76 -9.31 15.38
N GLN C 144 3.50 -9.17 15.78
CA GLN C 144 2.46 -8.67 14.89
C GLN C 144 2.38 -7.15 15.01
N LEU C 145 3.11 -6.61 15.97
CA LEU C 145 3.13 -5.15 16.14
C LEU C 145 4.51 -4.60 15.79
N SER C 146 5.05 -5.02 14.64
CA SER C 146 6.46 -4.78 14.34
C SER C 146 6.79 -4.07 13.04
N THR C 147 8.08 -3.79 12.92
CA THR C 147 8.71 -3.10 11.81
C THR C 147 8.43 -3.74 10.43
N SER C 179 2.63 -3.17 7.33
CA SER C 179 2.24 -4.18 6.35
C SER C 179 0.74 -4.51 6.50
N ARG C 180 0.41 -5.80 6.59
CA ARG C 180 -0.97 -6.24 6.79
C ARG C 180 -1.01 -7.42 7.79
N ARG C 181 -2.05 -7.45 8.63
CA ARG C 181 -2.07 -8.40 9.73
C ARG C 181 -3.35 -9.26 9.89
N SER C 182 -3.14 -10.43 10.46
CA SER C 182 -4.21 -11.37 10.77
C SER C 182 -3.71 -12.44 11.77
N PHE C 183 -4.41 -12.65 12.86
CA PHE C 183 -3.91 -13.55 13.89
C PHE C 183 -4.87 -13.89 15.01
N ILE C 184 -4.57 -14.93 15.76
CA ILE C 184 -5.50 -15.34 16.80
C ILE C 184 -4.91 -15.25 18.18
N CYS C 185 -5.70 -14.73 19.11
CA CYS C 185 -5.24 -14.60 20.47
C CYS C 185 -6.40 -14.56 21.46
N ARG C 186 -6.13 -15.01 22.68
CA ARG C 186 -7.13 -14.94 23.73
C ARG C 186 -7.07 -13.60 24.46
N MET C 187 -8.20 -12.91 24.46
CA MET C 187 -8.33 -11.66 25.19
C MET C 187 -9.20 -11.89 26.44
N ARG C 188 -8.91 -11.19 27.54
CA ARG C 188 -9.69 -11.39 28.76
C ARG C 188 -11.07 -10.79 28.60
N CYS C 189 -12.03 -11.34 29.33
CA CYS C 189 -13.40 -10.83 29.36
C CYS C 189 -13.72 -10.11 30.69
N PRO C 221 -10.67 -15.18 36.08
CA PRO C 221 -9.66 -15.68 35.16
C PRO C 221 -10.32 -16.20 33.88
N HIS C 222 -10.95 -15.33 33.09
CA HIS C 222 -11.62 -15.80 31.89
C HIS C 222 -11.28 -15.07 30.58
N PHE C 223 -10.85 -15.85 29.59
CA PHE C 223 -10.42 -15.33 28.28
C PHE C 223 -11.26 -15.94 27.19
N VAL C 224 -11.36 -15.27 26.05
CA VAL C 224 -11.93 -15.89 24.85
C VAL C 224 -10.99 -15.74 23.68
N VAL C 225 -10.94 -16.81 22.91
CA VAL C 225 -10.23 -16.80 21.66
C VAL C 225 -10.82 -15.73 20.77
N VAL C 226 -9.95 -14.97 20.12
CA VAL C 226 -10.33 -13.84 19.29
C VAL C 226 -9.57 -13.88 18.00
N HIS C 227 -10.32 -13.73 16.91
CA HIS C 227 -9.77 -13.71 15.58
C HIS C 227 -9.59 -12.28 15.18
N CYS C 228 -8.34 -11.85 15.07
CA CYS C 228 -7.99 -10.47 14.74
C CYS C 228 -7.60 -10.26 13.31
N THR C 229 -8.16 -9.24 12.69
CA THR C 229 -7.92 -8.97 11.30
C THR C 229 -7.73 -7.47 11.09
N GLY C 230 -6.56 -7.04 10.64
CA GLY C 230 -6.39 -5.61 10.44
C GLY C 230 -5.17 -5.20 9.62
N TYR C 231 -4.69 -3.98 9.84
CA TYR C 231 -3.63 -3.44 9.00
C TYR C 231 -2.85 -2.33 9.70
N ILE C 232 -1.63 -2.09 9.21
CA ILE C 232 -0.71 -1.07 9.75
C ILE C 232 -0.82 0.28 9.03
N LYS C 233 -0.78 1.36 9.79
CA LYS C 233 -1.01 2.73 9.30
C LYS C 233 -0.15 3.76 10.04
N ALA C 234 0.23 4.85 9.37
CA ALA C 234 0.81 6.02 10.07
C ALA C 234 -0.12 6.52 11.18
N PHE C 255 1.90 5.99 14.46
CA PHE C 255 2.13 4.68 13.84
C PHE C 255 1.43 3.53 14.59
N CYS C 256 0.41 2.96 13.96
CA CYS C 256 -0.54 2.11 14.66
C CYS C 256 -1.06 0.91 13.88
N LEU C 257 -1.79 0.06 14.60
CA LEU C 257 -2.48 -1.11 14.04
C LEU C 257 -3.98 -0.90 14.18
N VAL C 258 -4.64 -0.89 13.02
CA VAL C 258 -6.08 -0.74 12.90
C VAL C 258 -6.72 -2.09 12.67
N ALA C 259 -7.38 -2.64 13.68
CA ALA C 259 -7.82 -4.03 13.53
C ALA C 259 -9.18 -4.29 14.09
N ILE C 260 -9.72 -5.42 13.69
CA ILE C 260 -11.00 -5.86 14.18
C ILE C 260 -10.79 -7.13 14.94
N GLY C 261 -11.34 -7.20 16.14
CA GLY C 261 -11.30 -8.42 16.94
C GLY C 261 -12.67 -9.07 16.87
N ARG C 262 -12.69 -10.34 16.48
CA ARG C 262 -13.92 -11.06 16.13
C ARG C 262 -14.08 -12.34 16.92
N LEU C 263 -15.29 -12.60 17.41
CA LEU C 263 -15.57 -13.84 18.13
C LEU C 263 -16.02 -14.96 17.20
N GLN C 264 -16.35 -16.11 17.78
CA GLN C 264 -16.63 -17.30 16.97
C GLN C 264 -17.50 -18.33 17.70
N PRO C 280 -16.60 -39.22 36.95
CA PRO C 280 -17.25 -40.50 37.20
C PRO C 280 -18.06 -41.02 35.99
N THR C 281 -18.67 -42.20 36.17
CA THR C 281 -19.34 -43.00 35.14
C THR C 281 -18.38 -43.57 34.08
N GLU C 282 -17.42 -42.79 33.58
CA GLU C 282 -16.70 -43.26 32.40
C GLU C 282 -15.40 -42.58 32.02
N PHE C 283 -14.84 -43.08 30.93
CA PHE C 283 -13.69 -42.44 30.28
C PHE C 283 -13.64 -42.94 28.84
N ILE C 284 -13.07 -42.13 27.96
CA ILE C 284 -13.06 -42.47 26.56
C ILE C 284 -11.76 -43.17 26.22
N SER C 285 -11.81 -44.05 25.22
CA SER C 285 -10.61 -44.70 24.70
C SER C 285 -10.62 -44.79 23.19
N ARG C 286 -9.43 -45.07 22.66
CA ARG C 286 -9.20 -45.31 21.24
C ARG C 286 -8.38 -46.59 21.18
N HIS C 287 -8.63 -47.42 20.17
CA HIS C 287 -7.95 -48.71 20.03
C HIS C 287 -7.53 -48.95 18.60
N ASN C 288 -6.48 -49.75 18.41
CA ASN C 288 -6.25 -50.36 17.12
C ASN C 288 -7.26 -51.48 16.93
N ILE C 289 -7.36 -52.02 15.72
CA ILE C 289 -8.38 -53.02 15.43
C ILE C 289 -8.12 -54.34 16.19
N GLU C 290 -6.88 -54.53 16.65
CA GLU C 290 -6.52 -55.72 17.41
C GLU C 290 -6.95 -55.63 18.89
N GLY C 291 -7.19 -54.40 19.38
CA GLY C 291 -7.67 -54.19 20.74
C GLY C 291 -6.72 -53.49 21.71
N ILE C 292 -5.52 -53.14 21.26
CA ILE C 292 -4.56 -52.38 22.06
C ILE C 292 -5.10 -50.98 22.34
N PHE C 293 -4.98 -50.53 23.58
CA PHE C 293 -5.19 -49.12 23.94
C PHE C 293 -4.19 -48.25 23.20
N THR C 294 -4.67 -47.29 22.42
CA THR C 294 -3.75 -46.35 21.78
C THR C 294 -4.01 -44.91 22.21
N PHE C 295 -5.08 -44.70 22.96
CA PHE C 295 -5.42 -43.39 23.49
C PHE C 295 -6.33 -43.59 24.69
N VAL C 296 -6.04 -42.90 25.78
CA VAL C 296 -6.93 -42.95 26.93
C VAL C 296 -7.21 -41.61 27.62
N ASP C 297 -8.45 -41.48 28.06
CA ASP C 297 -8.94 -40.35 28.82
C ASP C 297 -8.49 -40.48 30.28
N HIS C 298 -8.17 -39.32 30.87
CA HIS C 298 -7.62 -39.26 32.22
C HIS C 298 -8.59 -39.80 33.27
N ARG C 299 -9.88 -39.71 32.95
CA ARG C 299 -10.94 -40.18 33.83
C ARG C 299 -10.79 -41.62 34.20
N CYS C 300 -10.02 -42.35 33.41
CA CYS C 300 -9.67 -43.73 33.76
C CYS C 300 -9.22 -43.84 35.23
N VAL C 301 -8.38 -42.93 35.70
CA VAL C 301 -7.91 -43.01 37.09
C VAL C 301 -9.05 -43.00 38.12
N ALA C 302 -10.10 -42.28 37.81
CA ALA C 302 -11.25 -42.22 38.70
C ALA C 302 -12.13 -43.39 38.36
N THR C 303 -12.16 -43.68 37.06
CA THR C 303 -13.05 -44.70 36.53
C THR C 303 -12.56 -46.07 36.91
N VAL C 304 -11.29 -46.34 36.68
CA VAL C 304 -10.78 -47.68 36.88
C VAL C 304 -9.50 -47.76 37.73
N GLY C 305 -8.99 -46.62 38.14
CA GLY C 305 -7.84 -46.57 39.04
C GLY C 305 -6.46 -46.57 38.40
N TYR C 306 -6.40 -46.81 37.11
CA TYR C 306 -5.12 -46.88 36.39
C TYR C 306 -4.67 -45.54 35.83
N GLN C 307 -3.37 -45.28 35.96
CA GLN C 307 -2.71 -44.24 35.19
C GLN C 307 -2.66 -44.69 33.74
N PRO C 308 -2.96 -43.77 32.82
CA PRO C 308 -2.94 -43.93 31.36
C PRO C 308 -1.82 -44.82 30.80
N GLN C 309 -0.59 -44.59 31.27
CA GLN C 309 0.57 -45.43 30.97
C GLN C 309 0.32 -46.90 31.24
N GLU C 310 -0.56 -47.18 32.18
CA GLU C 310 -0.81 -48.57 32.61
C GLU C 310 -1.89 -49.20 31.74
N LEU C 311 -2.54 -48.40 30.92
CA LEU C 311 -3.45 -48.95 29.93
C LEU C 311 -2.80 -48.95 28.57
N LEU C 312 -2.06 -47.89 28.28
CA LEU C 312 -1.53 -47.69 26.94
C LEU C 312 -0.53 -48.78 26.58
N GLY C 313 -0.69 -49.37 25.40
CA GLY C 313 0.24 -50.40 24.95
C GLY C 313 -0.25 -51.82 25.15
N LYS C 314 -1.22 -51.98 26.04
CA LYS C 314 -1.72 -53.29 26.40
C LYS C 314 -3.02 -53.58 25.68
N ASN C 315 -3.30 -54.87 25.48
CA ASN C 315 -4.53 -55.28 24.84
C ASN C 315 -5.65 -55.24 25.86
N ILE C 316 -6.85 -54.85 25.45
CA ILE C 316 -7.94 -54.65 26.39
C ILE C 316 -8.36 -55.96 27.08
N VAL C 317 -8.23 -57.07 26.37
CA VAL C 317 -8.63 -58.36 26.89
C VAL C 317 -7.70 -58.79 28.01
N GLU C 318 -6.63 -58.04 28.21
CA GLU C 318 -5.69 -58.28 29.30
C GLU C 318 -6.29 -57.75 30.57
N PHE C 319 -7.32 -56.93 30.42
CA PHE C 319 -7.98 -56.35 31.58
C PHE C 319 -9.33 -57.02 31.77
N CYS C 320 -9.67 -57.91 30.85
CA CYS C 320 -10.94 -58.61 30.91
C CYS C 320 -10.88 -59.91 31.72
N HIS C 321 -12.02 -60.25 32.33
CA HIS C 321 -12.22 -61.54 32.98
C HIS C 321 -12.14 -62.66 31.93
N PRO C 322 -11.37 -63.72 32.23
CA PRO C 322 -11.21 -64.90 31.37
C PRO C 322 -12.54 -65.44 30.80
N GLU C 323 -13.59 -65.39 31.61
CA GLU C 323 -14.91 -65.78 31.15
C GLU C 323 -15.42 -64.90 30.03
N ASP C 324 -15.27 -63.60 30.22
CA ASP C 324 -15.90 -62.62 29.35
C ASP C 324 -15.01 -62.22 28.19
N GLN C 325 -13.81 -62.80 28.10
CA GLN C 325 -12.87 -62.37 27.09
C GLN C 325 -13.35 -62.64 25.68
N GLN C 326 -14.01 -63.78 25.49
CA GLN C 326 -14.48 -64.16 24.16
C GLN C 326 -15.60 -63.26 23.64
N LEU C 327 -16.51 -62.91 24.52
CA LEU C 327 -17.58 -62.00 24.14
C LEU C 327 -16.96 -60.71 23.63
N LEU C 328 -15.90 -60.31 24.31
CA LEU C 328 -15.20 -59.09 23.98
C LEU C 328 -14.48 -59.20 22.63
N ARG C 329 -13.74 -60.28 22.40
CA ARG C 329 -13.05 -60.43 21.11
C ARG C 329 -14.01 -60.44 19.93
N ASP C 330 -15.02 -61.31 20.00
CA ASP C 330 -15.88 -61.45 18.83
C ASP C 330 -16.66 -60.13 18.67
N SER C 331 -16.86 -59.43 19.78
CA SER C 331 -17.45 -58.10 19.67
C SER C 331 -16.57 -57.18 18.84
N PHE C 332 -15.26 -57.18 19.06
CA PHE C 332 -14.39 -56.33 18.25
C PHE C 332 -14.47 -56.71 16.77
N GLN C 333 -14.53 -58.03 16.54
CA GLN C 333 -14.75 -58.54 15.20
C GLN C 333 -15.98 -57.92 14.55
N GLN C 334 -17.10 -57.97 15.26
CA GLN C 334 -18.33 -57.46 14.70
C GLN C 334 -18.33 -55.93 14.57
N VAL C 335 -17.67 -55.27 15.50
CA VAL C 335 -17.59 -53.82 15.49
C VAL C 335 -16.89 -53.37 14.22
N VAL C 336 -15.88 -54.12 13.79
CA VAL C 336 -15.25 -53.71 12.54
C VAL C 336 -16.13 -54.17 11.40
N LYS C 337 -16.81 -55.30 11.61
CA LYS C 337 -17.73 -55.83 10.60
C LYS C 337 -18.76 -54.80 10.24
N LEU C 338 -19.17 -54.04 11.24
CA LEU C 338 -20.27 -53.13 11.05
C LEU C 338 -19.68 -51.75 11.03
N LYS C 339 -19.37 -51.27 9.82
CA LYS C 339 -18.53 -50.10 9.68
C LYS C 339 -19.24 -48.77 9.90
N GLY C 340 -18.83 -48.10 10.98
CA GLY C 340 -19.25 -46.75 11.34
C GLY C 340 -20.19 -46.70 12.51
N GLN C 341 -21.10 -47.65 12.56
CA GLN C 341 -22.07 -47.76 13.64
C GLN C 341 -21.58 -48.50 14.89
N VAL C 342 -22.37 -48.35 15.94
CA VAL C 342 -21.98 -48.69 17.30
C VAL C 342 -22.55 -50.01 17.82
N LEU C 343 -21.72 -50.71 18.59
CA LEU C 343 -22.11 -51.94 19.26
C LEU C 343 -21.73 -51.79 20.71
N SER C 344 -22.59 -52.32 21.60
CA SER C 344 -22.35 -52.22 23.04
C SER C 344 -21.98 -53.55 23.66
N VAL C 345 -21.22 -53.48 24.75
CA VAL C 345 -20.75 -54.67 25.46
C VAL C 345 -20.62 -54.44 26.94
N MET C 346 -21.05 -55.40 27.75
CA MET C 346 -20.83 -55.34 29.20
C MET C 346 -19.86 -56.42 29.68
N PHE C 347 -18.97 -56.08 30.60
CA PHE C 347 -18.02 -57.05 31.14
C PHE C 347 -17.35 -56.61 32.43
N ARG C 348 -16.70 -57.56 33.10
CA ARG C 348 -15.98 -57.26 34.32
C ARG C 348 -14.57 -56.84 33.98
N PHE C 349 -14.22 -55.64 34.42
CA PHE C 349 -12.94 -55.03 34.13
C PHE C 349 -12.03 -55.08 35.36
N ARG C 350 -10.77 -55.46 35.16
CA ARG C 350 -9.82 -55.60 36.25
C ARG C 350 -9.42 -54.26 36.81
N SER C 351 -10.01 -53.88 37.93
CA SER C 351 -9.63 -52.67 38.66
C SER C 351 -8.17 -52.69 39.14
N LYS C 352 -7.60 -51.52 39.42
CA LYS C 352 -6.24 -51.47 39.93
C LYS C 352 -6.18 -51.95 41.39
N THR C 353 -7.27 -51.75 42.13
CA THR C 353 -7.41 -52.38 43.44
C THR C 353 -7.79 -53.85 43.28
N ARG C 354 -7.68 -54.30 42.03
CA ARG C 354 -7.93 -55.68 41.63
C ARG C 354 -9.33 -56.12 41.99
N GLU C 355 -10.34 -55.46 41.47
CA GLU C 355 -11.69 -55.91 41.75
C GLU C 355 -12.47 -55.88 40.47
N TRP C 356 -13.12 -56.97 40.08
CA TRP C 356 -13.80 -56.97 38.81
C TRP C 356 -14.95 -55.97 38.89
N LEU C 357 -14.92 -54.99 37.98
CA LEU C 357 -15.92 -53.94 37.91
C LEU C 357 -16.72 -54.08 36.64
N TRP C 358 -18.01 -54.32 36.75
CA TRP C 358 -18.83 -54.35 35.54
C TRP C 358 -18.77 -53.03 34.78
N MET C 359 -18.77 -53.13 33.46
CA MET C 359 -18.65 -51.98 32.61
C MET C 359 -19.33 -52.17 31.30
N ARG C 360 -20.04 -51.16 30.81
CA ARG C 360 -20.48 -51.22 29.44
C ARG C 360 -19.64 -50.26 28.69
N THR C 361 -19.18 -50.74 27.55
CA THR C 361 -18.45 -49.95 26.63
C THR C 361 -19.22 -49.92 25.34
N SER C 362 -19.20 -48.76 24.73
CA SER C 362 -19.99 -48.50 23.57
C SER C 362 -19.03 -48.03 22.50
N SER C 363 -19.09 -48.66 21.35
CA SER C 363 -17.99 -48.40 20.44
C SER C 363 -18.34 -48.52 19.00
N PHE C 364 -17.54 -47.84 18.17
CA PHE C 364 -17.71 -47.86 16.73
C PHE C 364 -16.40 -47.67 15.99
N THR C 365 -16.33 -48.23 14.79
CA THR C 365 -15.17 -47.97 13.96
C THR C 365 -15.28 -46.56 13.36
N PHE C 366 -14.14 -45.93 13.15
CA PHE C 366 -14.06 -44.63 12.51
C PHE C 366 -13.25 -44.75 11.25
N GLN C 367 -13.89 -44.53 10.12
CA GLN C 367 -13.23 -44.60 8.84
C GLN C 367 -12.70 -43.23 8.49
N ASN C 368 -11.51 -43.19 7.92
CA ASN C 368 -11.02 -41.97 7.30
C ASN C 368 -12.03 -41.55 6.24
N PRO C 369 -12.42 -40.28 6.23
CA PRO C 369 -13.47 -39.85 5.30
C PRO C 369 -13.13 -40.04 3.82
N TYR C 370 -11.85 -39.94 3.49
CA TYR C 370 -11.35 -40.04 2.13
C TYR C 370 -11.11 -41.50 1.73
N SER C 371 -10.29 -42.19 2.51
CA SER C 371 -9.93 -43.56 2.15
C SER C 371 -10.98 -44.56 2.58
N ASP C 372 -11.84 -44.19 3.52
CA ASP C 372 -12.74 -45.14 4.16
C ASP C 372 -11.96 -46.31 4.72
N GLU C 373 -10.69 -46.07 5.00
CA GLU C 373 -9.91 -47.05 5.68
C GLU C 373 -10.16 -46.83 7.17
N ILE C 374 -9.71 -47.75 8.01
CA ILE C 374 -10.10 -47.71 9.41
C ILE C 374 -9.01 -47.05 10.27
N GLU C 375 -9.30 -45.83 10.70
CA GLU C 375 -8.39 -45.06 11.57
C GLU C 375 -8.16 -45.72 12.92
N TYR C 376 -9.25 -46.01 13.61
CA TYR C 376 -9.22 -46.48 14.98
C TYR C 376 -10.61 -46.93 15.38
N ILE C 377 -10.72 -47.54 16.54
CA ILE C 377 -12.04 -47.82 17.10
C ILE C 377 -12.23 -46.99 18.39
N ILE C 378 -13.33 -46.25 18.51
CA ILE C 378 -13.57 -45.42 19.72
C ILE C 378 -14.57 -46.00 20.68
N CYS C 379 -14.15 -46.11 21.94
CA CYS C 379 -15.04 -46.59 22.98
C CYS C 379 -15.34 -45.50 23.96
N THR C 380 -16.54 -45.56 24.51
CA THR C 380 -16.80 -44.84 25.71
C THR C 380 -16.96 -45.94 26.75
N ASN C 381 -16.13 -45.91 27.77
CA ASN C 381 -16.09 -47.00 28.74
C ASN C 381 -16.74 -46.57 30.02
N THR C 382 -17.94 -47.11 30.21
CA THR C 382 -18.87 -46.63 31.20
C THR C 382 -19.08 -47.63 32.32
N ASN C 383 -18.84 -47.22 33.55
CA ASN C 383 -19.03 -48.09 34.71
C ASN C 383 -20.45 -48.60 34.87
N VAL C 384 -20.55 -49.92 35.04
CA VAL C 384 -21.83 -50.62 35.16
C VAL C 384 -21.89 -51.43 36.45
N CYS D 24 -37.93 13.41 -26.96
CA CYS D 24 -37.64 14.60 -26.15
C CYS D 24 -37.68 14.27 -24.67
N ARG D 25 -38.83 13.80 -24.20
CA ARG D 25 -38.99 13.45 -22.79
C ARG D 25 -38.13 12.27 -22.39
N ARG D 26 -37.66 11.51 -23.39
CA ARG D 26 -36.83 10.35 -23.14
C ARG D 26 -35.54 10.94 -22.58
N SER D 27 -35.29 12.16 -23.03
CA SER D 27 -34.35 13.05 -22.39
C SER D 27 -34.65 13.10 -20.92
N LYS D 28 -35.88 13.48 -20.59
CA LYS D 28 -36.31 13.64 -19.20
C LYS D 28 -36.02 12.40 -18.38
N GLU D 29 -36.29 11.22 -18.95
CA GLU D 29 -36.00 9.98 -18.25
C GLU D 29 -34.53 9.99 -17.90
N THR D 30 -33.70 10.12 -18.94
CA THR D 30 -32.26 10.03 -18.77
C THR D 30 -31.71 11.04 -17.75
N GLU D 31 -32.19 12.28 -17.83
CA GLU D 31 -31.74 13.37 -16.96
C GLU D 31 -32.03 13.00 -15.51
N VAL D 32 -33.25 12.52 -15.28
CA VAL D 32 -33.65 12.14 -13.93
C VAL D 32 -32.94 10.91 -13.37
N PHE D 33 -32.73 9.92 -14.22
CA PHE D 33 -32.00 8.73 -13.84
C PHE D 33 -30.63 9.18 -13.38
N TYR D 34 -30.04 10.06 -14.18
CA TYR D 34 -28.72 10.58 -13.92
C TYR D 34 -28.68 11.27 -12.56
N GLU D 35 -29.72 12.04 -12.29
CA GLU D 35 -29.91 12.60 -10.96
C GLU D 35 -29.89 11.55 -9.86
N LEU D 36 -30.66 10.47 -10.04
CA LEU D 36 -30.71 9.38 -9.08
C LEU D 36 -29.34 8.78 -8.76
N ALA D 37 -28.66 8.39 -9.84
CA ALA D 37 -27.35 7.77 -9.77
C ALA D 37 -26.43 8.70 -9.01
N HIS D 38 -26.58 9.99 -9.27
CA HIS D 38 -25.76 10.97 -8.59
C HIS D 38 -26.02 10.99 -7.11
N GLU D 39 -27.28 10.84 -6.71
CA GLU D 39 -27.52 10.90 -5.30
C GLU D 39 -27.77 9.53 -4.72
N LEU D 40 -27.07 8.52 -5.23
CA LEU D 40 -26.78 7.33 -4.45
C LEU D 40 -25.57 7.65 -3.58
N PRO D 41 -25.39 6.93 -2.46
CA PRO D 41 -24.27 7.30 -1.58
C PRO D 41 -22.92 7.03 -2.23
N LEU D 42 -22.93 6.24 -3.30
CA LEU D 42 -21.74 5.76 -4.02
C LEU D 42 -20.82 6.83 -4.63
N PRO D 43 -19.55 6.46 -4.92
CA PRO D 43 -18.73 7.45 -5.61
C PRO D 43 -19.34 7.68 -6.97
N HIS D 44 -19.31 8.93 -7.43
CA HIS D 44 -19.90 9.29 -8.71
C HIS D 44 -19.10 8.59 -9.79
N SER D 45 -17.84 8.29 -9.43
CA SER D 45 -16.94 7.42 -10.17
C SER D 45 -17.58 6.24 -10.92
N VAL D 46 -18.53 5.56 -10.31
CA VAL D 46 -19.18 4.40 -10.92
C VAL D 46 -20.64 4.76 -11.25
N SER D 47 -21.20 5.75 -10.57
CA SER D 47 -22.60 6.17 -10.75
C SER D 47 -22.99 6.41 -12.23
N SER D 48 -22.19 7.20 -12.92
CA SER D 48 -22.46 7.58 -14.30
C SER D 48 -22.79 6.41 -15.24
N HIS D 49 -22.13 5.27 -15.04
CA HIS D 49 -22.22 4.14 -15.99
C HIS D 49 -23.37 3.18 -15.74
N LEU D 50 -24.60 3.66 -15.67
CA LEU D 50 -25.67 2.73 -15.28
C LEU D 50 -26.89 2.63 -16.20
N ASP D 51 -27.36 1.39 -16.34
CA ASP D 51 -28.64 1.05 -16.92
C ASP D 51 -29.75 1.27 -15.90
N LYS D 52 -30.92 1.66 -16.40
CA LYS D 52 -32.06 1.99 -15.57
C LYS D 52 -32.34 0.93 -14.51
N ALA D 53 -32.44 -0.31 -14.99
CA ALA D 53 -32.66 -1.48 -14.15
C ALA D 53 -31.74 -1.55 -12.93
N SER D 54 -30.44 -1.37 -13.17
CA SER D 54 -29.44 -1.46 -12.12
C SER D 54 -29.60 -0.39 -11.07
N ILE D 55 -29.82 0.83 -11.54
CA ILE D 55 -30.03 1.98 -10.68
C ILE D 55 -31.18 1.67 -9.74
N MET D 56 -32.21 1.05 -10.29
CA MET D 56 -33.33 0.65 -9.47
C MET D 56 -32.85 -0.28 -8.40
N ARG D 57 -32.30 -1.40 -8.83
CA ARG D 57 -31.76 -2.43 -7.95
C ARG D 57 -31.05 -1.83 -6.75
N LEU D 58 -30.17 -0.90 -7.06
CA LEU D 58 -29.29 -0.33 -6.06
C LEU D 58 -29.99 0.61 -5.10
N ALA D 59 -30.82 1.48 -5.66
CA ALA D 59 -31.60 2.39 -4.82
C ALA D 59 -32.34 1.56 -3.79
N ILE D 60 -33.09 0.63 -4.36
CA ILE D 60 -33.94 -0.27 -3.60
C ILE D 60 -33.12 -0.87 -2.46
N SER D 61 -31.97 -1.47 -2.80
CA SER D 61 -31.14 -2.10 -1.78
C SER D 61 -30.71 -1.13 -0.70
N PHE D 62 -30.49 0.12 -1.07
CA PHE D 62 -30.04 1.09 -0.07
C PHE D 62 -31.16 1.40 0.92
N LEU D 63 -32.37 1.63 0.42
CA LEU D 63 -33.45 1.88 1.36
C LEU D 63 -33.68 0.68 2.25
N ARG D 64 -33.95 -0.47 1.65
CA ARG D 64 -34.25 -1.68 2.42
C ARG D 64 -33.19 -1.93 3.49
N THR D 65 -31.94 -1.80 3.10
CA THR D 65 -30.85 -2.02 4.03
C THR D 65 -30.90 -1.01 5.17
N HIS D 66 -31.08 0.27 4.85
CA HIS D 66 -31.12 1.25 5.90
C HIS D 66 -32.29 1.03 6.85
N LYS D 67 -33.36 0.48 6.31
CA LYS D 67 -34.53 0.19 7.13
C LYS D 67 -34.05 -0.84 8.12
N LEU D 68 -33.68 -2.01 7.62
CA LEU D 68 -33.13 -3.04 8.50
C LEU D 68 -32.21 -2.50 9.59
N LEU D 69 -31.35 -1.56 9.21
CA LEU D 69 -30.40 -0.97 10.12
C LEU D 69 -31.07 -0.20 11.23
N SER D 70 -32.04 0.63 10.86
CA SER D 70 -32.83 1.33 11.86
C SER D 70 -33.55 0.29 12.70
N SER D 71 -33.96 -0.82 12.07
CA SER D 71 -34.60 -1.92 12.79
C SER D 71 -33.62 -2.57 13.79
N VAL D 72 -32.33 -2.30 13.62
CA VAL D 72 -31.32 -2.94 14.44
C VAL D 72 -30.72 -1.91 15.40
N CYS D 73 -31.14 -0.64 15.26
CA CYS D 73 -30.59 0.44 16.08
C CYS D 73 -30.56 0.07 17.56
N SER D 74 -31.66 -0.47 18.07
CA SER D 74 -31.72 -0.84 19.48
C SER D 74 -31.99 -2.34 19.62
N MET D 86 -14.56 8.85 6.84
CA MET D 86 -15.60 7.83 6.83
C MET D 86 -15.11 6.53 7.50
N ASP D 87 -15.35 5.38 6.87
CA ASP D 87 -14.88 4.09 7.37
C ASP D 87 -14.20 3.18 6.35
N ASN D 88 -13.25 3.71 5.60
CA ASN D 88 -12.34 2.83 4.89
C ASN D 88 -11.51 2.01 5.86
N LEU D 89 -11.47 2.44 7.13
CA LEU D 89 -10.85 1.67 8.22
C LEU D 89 -11.49 0.30 8.36
N TYR D 90 -12.78 0.29 8.69
CA TYR D 90 -13.54 -0.96 8.84
C TYR D 90 -13.47 -1.74 7.53
N LEU D 91 -13.47 -1.02 6.43
CA LEU D 91 -13.36 -1.65 5.13
C LEU D 91 -12.06 -2.40 4.98
N LYS D 92 -10.98 -1.79 5.46
CA LYS D 92 -9.64 -2.31 5.23
C LYS D 92 -9.32 -3.38 6.24
N ALA D 93 -9.95 -3.25 7.41
CA ALA D 93 -9.72 -4.12 8.53
C ALA D 93 -10.25 -5.50 8.22
N LEU D 94 -11.30 -5.57 7.40
CA LEU D 94 -11.89 -6.84 6.96
C LEU D 94 -11.00 -7.73 6.13
N GLU D 95 -11.07 -9.04 6.35
CA GLU D 95 -10.43 -9.95 5.43
C GLU D 95 -11.51 -10.69 4.67
N GLY D 96 -12.54 -9.97 4.28
CA GLY D 96 -13.72 -10.55 3.64
C GLY D 96 -14.77 -9.48 3.41
N PHE D 97 -15.98 -9.89 3.00
CA PHE D 97 -17.05 -8.91 2.76
C PHE D 97 -18.30 -9.22 3.58
N ILE D 98 -19.16 -8.21 3.76
CA ILE D 98 -20.42 -8.34 4.48
C ILE D 98 -21.51 -8.60 3.46
N ALA D 99 -22.27 -9.67 3.64
CA ALA D 99 -23.38 -9.92 2.76
C ALA D 99 -24.64 -9.90 3.59
N VAL D 100 -25.68 -9.35 2.99
CA VAL D 100 -27.01 -9.36 3.55
C VAL D 100 -27.94 -9.95 2.52
N VAL D 101 -28.64 -11.01 2.89
CA VAL D 101 -29.39 -11.82 1.93
C VAL D 101 -30.78 -12.19 2.44
N THR D 102 -31.83 -11.82 1.71
CA THR D 102 -33.20 -12.15 2.12
C THR D 102 -33.44 -13.65 2.21
N GLN D 103 -34.67 -14.02 2.51
CA GLN D 103 -35.01 -15.43 2.69
C GLN D 103 -35.19 -16.12 1.35
N ASP D 104 -35.53 -15.35 0.31
CA ASP D 104 -35.67 -15.90 -1.04
C ASP D 104 -34.35 -15.79 -1.81
N GLY D 105 -33.32 -15.30 -1.13
CA GLY D 105 -31.98 -15.34 -1.66
C GLY D 105 -31.44 -14.04 -2.22
N ASP D 106 -32.22 -12.96 -2.14
CA ASP D 106 -31.79 -11.71 -2.74
C ASP D 106 -30.63 -11.12 -1.99
N MET D 107 -29.60 -10.74 -2.73
CA MET D 107 -28.45 -10.15 -2.09
C MET D 107 -28.69 -8.67 -1.91
N ILE D 108 -29.39 -8.34 -0.81
CA ILE D 108 -29.75 -6.97 -0.46
C ILE D 108 -28.53 -6.09 -0.24
N PHE D 109 -27.46 -6.70 0.26
CA PHE D 109 -26.31 -5.86 0.50
C PHE D 109 -24.98 -6.58 0.40
N LEU D 110 -24.00 -5.83 -0.08
CA LEU D 110 -22.65 -6.30 -0.33
C LEU D 110 -21.72 -5.11 -0.13
N SER D 111 -20.75 -5.25 0.75
CA SER D 111 -19.76 -4.20 0.93
C SER D 111 -19.07 -3.91 -0.39
N GLU D 112 -18.69 -2.65 -0.62
CA GLU D 112 -17.97 -2.31 -1.85
C GLU D 112 -16.77 -3.24 -2.01
N ASN D 113 -16.05 -3.45 -0.89
CA ASN D 113 -14.78 -4.17 -0.91
C ASN D 113 -14.94 -5.62 -1.31
N ILE D 114 -16.17 -6.03 -1.59
CA ILE D 114 -16.40 -7.36 -2.11
C ILE D 114 -15.54 -7.46 -3.36
N SER D 115 -15.37 -6.30 -4.00
CA SER D 115 -14.59 -6.10 -5.21
C SER D 115 -13.18 -6.70 -5.06
N LYS D 116 -12.56 -6.38 -3.93
CA LYS D 116 -11.28 -6.92 -3.50
C LYS D 116 -11.18 -8.44 -3.59
N PHE D 117 -12.23 -9.12 -3.18
CA PHE D 117 -12.15 -10.55 -3.02
C PHE D 117 -12.70 -11.35 -4.19
N MET D 118 -13.80 -10.89 -4.77
CA MET D 118 -14.51 -11.69 -5.74
C MET D 118 -14.29 -11.23 -7.17
N GLY D 119 -13.79 -10.01 -7.31
CA GLY D 119 -13.70 -9.39 -8.62
C GLY D 119 -15.01 -8.68 -8.96
N LEU D 120 -16.10 -9.43 -8.91
CA LEU D 120 -17.42 -8.87 -9.10
C LEU D 120 -17.62 -7.72 -8.14
N THR D 121 -18.04 -6.56 -8.67
CA THR D 121 -18.25 -5.38 -7.84
C THR D 121 -19.52 -5.52 -7.00
N GLN D 122 -19.55 -4.79 -5.89
CA GLN D 122 -20.76 -4.61 -5.13
C GLN D 122 -21.92 -4.39 -6.06
N VAL D 123 -21.73 -3.48 -7.01
CA VAL D 123 -22.75 -3.08 -7.97
C VAL D 123 -23.33 -4.18 -8.87
N GLU D 124 -22.47 -5.02 -9.42
CA GLU D 124 -22.88 -6.02 -10.40
C GLU D 124 -23.74 -7.09 -9.75
N LEU D 125 -23.82 -7.04 -8.43
CA LEU D 125 -24.31 -8.16 -7.66
C LEU D 125 -25.55 -7.85 -6.83
N THR D 126 -25.58 -6.66 -6.21
CA THR D 126 -26.70 -6.31 -5.35
C THR D 126 -28.04 -6.52 -6.04
N GLY D 127 -28.98 -7.13 -5.33
CA GLY D 127 -30.34 -7.35 -5.82
C GLY D 127 -30.57 -8.71 -6.43
N HIS D 128 -29.49 -9.38 -6.84
CA HIS D 128 -29.62 -10.66 -7.53
C HIS D 128 -29.61 -11.88 -6.60
N SER D 129 -30.00 -13.00 -7.17
CA SER D 129 -30.10 -14.24 -6.42
C SER D 129 -28.73 -14.75 -6.03
N ILE D 130 -28.57 -15.07 -4.74
CA ILE D 130 -27.36 -15.71 -4.26
C ILE D 130 -27.07 -16.95 -5.11
N PHE D 131 -28.13 -17.56 -5.60
CA PHE D 131 -28.03 -18.84 -6.28
C PHE D 131 -27.40 -18.72 -7.65
N ASP D 132 -27.41 -17.51 -8.19
CA ASP D 132 -26.89 -17.28 -9.52
C ASP D 132 -25.39 -17.10 -9.47
N PHE D 133 -24.84 -17.00 -8.27
CA PHE D 133 -23.42 -16.75 -8.16
C PHE D 133 -22.74 -17.76 -7.29
N THR D 134 -23.45 -18.83 -6.98
CA THR D 134 -22.92 -19.83 -6.09
C THR D 134 -22.90 -21.16 -6.78
N HIS D 135 -21.88 -21.95 -6.46
CA HIS D 135 -21.78 -23.30 -6.91
C HIS D 135 -23.04 -24.04 -6.50
N PRO D 136 -23.85 -24.46 -7.49
CA PRO D 136 -24.87 -25.45 -7.10
C PRO D 136 -24.07 -26.61 -6.56
N CYS D 137 -24.69 -27.55 -5.84
CA CYS D 137 -24.00 -28.50 -4.95
C CYS D 137 -23.86 -27.86 -3.59
N ASP D 138 -23.87 -26.52 -3.56
CA ASP D 138 -23.77 -25.80 -2.30
C ASP D 138 -25.13 -25.18 -2.03
N HIS D 139 -25.92 -25.03 -3.08
CA HIS D 139 -27.23 -24.38 -3.01
C HIS D 139 -28.11 -24.96 -1.91
N GLU D 140 -28.09 -26.26 -1.80
CA GLU D 140 -28.82 -26.99 -0.77
C GLU D 140 -28.42 -26.48 0.61
N GLU D 141 -27.11 -26.46 0.88
CA GLU D 141 -26.59 -26.00 2.15
C GLU D 141 -26.95 -24.54 2.43
N ILE D 142 -26.92 -23.70 1.39
CA ILE D 142 -27.37 -22.31 1.55
C ILE D 142 -28.86 -22.19 1.89
N ARG D 143 -29.70 -22.93 1.19
CA ARG D 143 -31.13 -22.92 1.46
C ARG D 143 -31.36 -23.37 2.88
N GLU D 144 -30.55 -24.33 3.31
CA GLU D 144 -30.63 -24.89 4.64
C GLU D 144 -30.12 -23.88 5.65
N ASN D 145 -29.24 -22.98 5.23
CA ASN D 145 -28.73 -21.92 6.13
C ASN D 145 -29.50 -20.59 6.10
N LEU D 146 -30.32 -20.39 5.06
CA LEU D 146 -31.11 -19.17 4.91
C LEU D 146 -32.39 -19.04 5.75
N THR D 147 -32.85 -20.13 6.34
CA THR D 147 -34.18 -20.12 6.90
C THR D 147 -34.23 -20.08 8.43
N LEU D 148 -35.38 -19.61 8.92
CA LEU D 148 -35.80 -19.60 10.32
C LEU D 148 -34.79 -18.98 11.31
N VAL D 161 -33.68 -23.74 18.49
CA VAL D 161 -33.71 -22.84 17.33
C VAL D 161 -32.69 -21.69 17.50
N SER D 162 -31.47 -21.97 17.05
CA SER D 162 -30.37 -21.00 17.04
C SER D 162 -30.42 -20.09 15.82
N THR D 163 -29.89 -18.89 15.96
CA THR D 163 -29.88 -17.94 14.86
C THR D 163 -28.49 -17.80 14.29
N GLU D 164 -27.56 -18.50 14.89
CA GLU D 164 -26.15 -18.39 14.55
C GLU D 164 -25.80 -19.33 13.40
N ARG D 165 -25.02 -18.83 12.43
CA ARG D 165 -24.65 -19.57 11.21
C ARG D 165 -23.13 -19.62 10.92
N ASP D 166 -22.66 -20.80 10.51
CA ASP D 166 -21.24 -21.01 10.19
C ASP D 166 -21.09 -22.08 9.09
N PHE D 167 -20.70 -21.63 7.91
CA PHE D 167 -20.54 -22.55 6.78
C PHE D 167 -19.54 -22.08 5.73
N PHE D 168 -19.31 -22.92 4.73
CA PHE D 168 -18.42 -22.63 3.62
C PHE D 168 -19.26 -22.66 2.35
N MET D 169 -19.11 -21.70 1.45
CA MET D 169 -19.85 -21.82 0.19
C MET D 169 -18.87 -21.56 -0.95
N ARG D 170 -19.09 -22.18 -2.09
CA ARG D 170 -18.31 -21.77 -3.24
C ARG D 170 -19.06 -20.69 -4.00
N MET D 171 -18.38 -19.59 -4.26
CA MET D 171 -18.95 -18.50 -5.03
C MET D 171 -18.05 -18.13 -6.21
N LYS D 172 -18.64 -17.50 -7.23
CA LYS D 172 -17.92 -17.06 -8.44
C LYS D 172 -16.86 -15.98 -8.15
N CYS D 173 -15.63 -16.24 -8.59
CA CYS D 173 -14.51 -15.30 -8.44
C CYS D 173 -13.85 -15.01 -9.79
N THR D 174 -13.58 -13.73 -10.05
CA THR D 174 -12.84 -13.36 -11.24
C THR D 174 -11.70 -12.37 -10.96
N VAL D 175 -10.82 -12.67 -10.01
CA VAL D 175 -9.59 -11.88 -9.85
C VAL D 175 -8.31 -12.67 -9.95
N THR D 176 -8.29 -13.67 -10.81
CA THR D 176 -7.10 -14.50 -11.00
C THR D 176 -6.70 -15.15 -9.68
N GLY D 179 -1.72 -12.09 -11.43
CA GLY D 179 -1.97 -10.66 -11.30
C GLY D 179 -3.33 -10.33 -10.72
N ARG D 180 -4.15 -9.63 -11.51
CA ARG D 180 -5.51 -9.29 -11.09
C ARG D 180 -6.54 -9.36 -12.21
N THR D 181 -7.63 -8.64 -11.98
CA THR D 181 -8.93 -8.85 -12.61
C THR D 181 -8.93 -9.32 -14.07
N VAL D 182 -9.76 -10.31 -14.37
CA VAL D 182 -10.00 -10.74 -15.77
C VAL D 182 -11.44 -10.43 -16.19
N LEU D 184 -15.96 -12.33 -16.46
CA LEU D 184 -16.99 -13.18 -15.87
C LEU D 184 -17.21 -14.44 -16.70
N LYS D 185 -16.57 -14.50 -17.87
CA LYS D 185 -16.85 -15.53 -18.86
C LYS D 185 -16.50 -16.90 -18.30
N SER D 186 -15.20 -17.11 -18.12
CA SER D 186 -14.73 -18.28 -17.42
C SER D 186 -14.37 -17.80 -16.01
N ALA D 187 -15.35 -17.89 -15.12
CA ALA D 187 -15.18 -17.59 -13.71
C ALA D 187 -14.79 -18.83 -12.93
N THR D 188 -14.14 -18.66 -11.78
CA THR D 188 -13.78 -19.87 -11.08
C THR D 188 -14.28 -19.86 -9.64
N TRP D 189 -14.34 -21.03 -9.04
CA TRP D 189 -14.92 -21.18 -7.71
C TRP D 189 -13.97 -20.82 -6.58
N LYS D 190 -14.43 -19.92 -5.72
CA LYS D 190 -13.72 -19.55 -4.50
C LYS D 190 -14.52 -20.00 -3.31
N VAL D 191 -13.88 -20.69 -2.38
CA VAL D 191 -14.51 -21.00 -1.10
C VAL D 191 -14.46 -19.79 -0.14
N LEU D 192 -15.64 -19.47 0.40
CA LEU D 192 -15.86 -18.42 1.40
C LEU D 192 -16.31 -19.00 2.72
N HIS D 193 -15.59 -18.69 3.79
CA HIS D 193 -16.05 -18.94 5.16
C HIS D 193 -17.05 -17.90 5.59
N CYS D 194 -18.27 -18.34 5.81
CA CYS D 194 -19.37 -17.45 6.12
C CYS D 194 -19.80 -17.67 7.55
N THR D 195 -19.81 -16.58 8.30
CA THR D 195 -20.25 -16.67 9.69
C THR D 195 -21.14 -15.48 9.92
N GLY D 196 -22.33 -15.72 10.46
CA GLY D 196 -23.21 -14.62 10.74
C GLY D 196 -24.40 -15.04 11.57
N GLN D 197 -25.48 -14.27 11.44
CA GLN D 197 -26.70 -14.49 12.19
C GLN D 197 -27.90 -14.39 11.23
N VAL D 198 -28.95 -15.14 11.50
CA VAL D 198 -30.22 -14.95 10.78
C VAL D 198 -31.21 -14.14 11.68
N ARG D 199 -32.09 -13.38 11.05
CA ARG D 199 -32.81 -12.30 11.74
C ARG D 199 -34.16 -11.94 11.11
N VAL D 200 -35.09 -11.45 11.93
CA VAL D 200 -36.34 -10.93 11.40
C VAL D 200 -36.61 -9.52 11.96
N LEU D 218 -40.42 -12.17 8.11
CA LEU D 218 -39.83 -11.91 6.80
C LEU D 218 -38.55 -12.75 6.67
N SER D 219 -37.55 -12.40 7.50
CA SER D 219 -36.25 -13.11 7.64
C SER D 219 -35.10 -12.79 6.67
N CYS D 220 -33.88 -12.91 7.16
CA CYS D 220 -32.72 -12.38 6.46
C CYS D 220 -31.39 -12.77 7.11
N LEU D 221 -30.40 -13.08 6.29
CA LEU D 221 -29.10 -13.57 6.77
C LEU D 221 -28.00 -12.54 6.62
N ILE D 222 -27.35 -12.28 7.74
CA ILE D 222 -26.29 -11.31 7.85
C ILE D 222 -25.04 -12.09 8.05
N ILE D 223 -24.17 -12.10 7.06
CA ILE D 223 -23.01 -12.99 7.11
C ILE D 223 -21.72 -12.34 6.63
N MET D 224 -20.64 -12.68 7.30
CA MET D 224 -19.33 -12.23 6.89
C MET D 224 -18.61 -13.36 6.17
N CYS D 225 -18.19 -13.07 4.95
CA CYS D 225 -17.57 -14.07 4.13
C CYS D 225 -16.10 -13.76 3.88
N GLU D 226 -15.23 -14.52 4.53
CA GLU D 226 -13.81 -14.39 4.30
C GLU D 226 -13.34 -15.55 3.43
N PRO D 227 -12.77 -15.26 2.27
CA PRO D 227 -12.14 -16.35 1.54
C PRO D 227 -10.88 -16.77 2.29
N ILE D 228 -10.51 -18.04 2.18
CA ILE D 228 -9.42 -18.61 2.95
C ILE D 228 -8.14 -18.37 2.16
N GLN D 229 -7.18 -17.66 2.77
CA GLN D 229 -5.94 -17.28 2.09
C GLN D 229 -5.22 -18.52 1.65
N HIS D 230 -4.70 -18.44 0.43
CA HIS D 230 -4.18 -19.60 -0.25
C HIS D 230 -2.70 -19.63 0.00
N PRO D 231 -2.20 -20.76 0.55
CA PRO D 231 -0.82 -20.93 1.00
C PRO D 231 0.22 -20.68 -0.14
N SER D 232 -0.13 -21.06 -1.37
CA SER D 232 0.75 -20.78 -2.50
C SER D 232 0.89 -19.28 -2.78
N HIS D 233 -0.13 -18.50 -2.45
CA HIS D 233 -0.05 -17.07 -2.66
C HIS D 233 -0.32 -16.31 -1.39
N MET D 234 0.54 -16.48 -0.40
CA MET D 234 0.33 -15.74 0.82
C MET D 234 1.18 -14.47 0.81
N ASP D 235 0.63 -13.41 1.42
CA ASP D 235 1.28 -12.10 1.54
C ASP D 235 0.94 -11.58 2.92
N ILE D 236 0.65 -12.52 3.82
CA ILE D 236 0.52 -12.20 5.22
C ILE D 236 1.83 -12.62 5.86
N PRO D 237 2.20 -11.95 6.96
CA PRO D 237 3.50 -12.20 7.58
C PRO D 237 3.69 -13.59 8.15
N LEU D 238 2.63 -14.11 8.76
CA LEU D 238 2.66 -15.37 9.52
C LEU D 238 3.43 -15.17 10.82
N ASP D 239 3.15 -16.05 11.76
CA ASP D 239 3.65 -15.92 13.10
C ASP D 239 4.79 -16.90 13.36
N SER D 240 5.41 -16.82 14.54
CA SER D 240 6.39 -17.83 14.92
C SER D 240 5.65 -19.04 15.47
N LYS D 241 4.43 -18.82 15.94
CA LYS D 241 3.58 -19.88 16.47
C LYS D 241 2.62 -20.37 15.40
N THR D 242 3.11 -20.42 14.18
CA THR D 242 2.28 -20.87 13.09
C THR D 242 3.12 -21.84 12.30
N PHE D 243 2.73 -23.10 12.29
CA PHE D 243 3.48 -24.03 11.49
C PHE D 243 2.64 -24.60 10.35
N LEU D 244 3.34 -25.19 9.39
CA LEU D 244 2.79 -25.46 8.09
C LEU D 244 3.06 -26.92 7.76
N SER D 245 2.13 -27.56 7.05
CA SER D 245 2.25 -29.00 6.83
C SER D 245 1.50 -29.43 5.61
N ARG D 246 1.86 -30.61 5.11
CA ARG D 246 1.30 -31.16 3.90
C ARG D 246 0.83 -32.59 4.14
N HIS D 247 -0.29 -32.94 3.53
CA HIS D 247 -0.91 -34.23 3.78
C HIS D 247 -1.35 -34.89 2.50
N SER D 248 -1.51 -36.20 2.53
CA SER D 248 -2.20 -36.84 1.44
C SER D 248 -3.66 -36.41 1.52
N MET D 249 -4.45 -36.81 0.53
CA MET D 249 -5.88 -36.59 0.60
C MET D 249 -6.42 -37.40 1.74
N ASP D 250 -5.62 -38.36 2.20
CA ASP D 250 -5.99 -39.24 3.30
C ASP D 250 -5.76 -38.55 4.63
N MET D 251 -5.13 -37.38 4.56
CA MET D 251 -4.56 -36.67 5.69
C MET D 251 -3.45 -37.46 6.36
N LYS D 252 -2.79 -38.30 5.59
CA LYS D 252 -1.53 -38.82 6.07
C LYS D 252 -0.48 -37.79 5.69
N PHE D 253 0.47 -37.58 6.59
CA PHE D 253 1.54 -36.64 6.38
C PHE D 253 2.41 -36.96 5.17
N THR D 254 2.78 -35.93 4.44
CA THR D 254 3.79 -36.11 3.40
C THR D 254 4.94 -35.14 3.66
N TYR D 255 4.64 -33.96 4.20
CA TYR D 255 5.69 -33.05 4.64
C TYR D 255 5.24 -32.18 5.82
N CYS D 256 6.22 -31.78 6.63
CA CYS D 256 6.02 -30.73 7.61
C CYS D 256 7.34 -30.11 8.03
N ASP D 257 7.30 -28.85 8.43
CA ASP D 257 8.52 -28.19 8.85
C ASP D 257 8.74 -28.44 10.34
N ASP D 258 9.89 -28.06 10.86
CA ASP D 258 10.23 -28.35 12.26
C ASP D 258 10.10 -27.17 13.15
N ARG D 259 9.10 -26.37 12.87
CA ARG D 259 8.71 -25.43 13.88
C ARG D 259 7.87 -26.24 14.84
N ILE D 260 7.32 -27.37 14.35
CA ILE D 260 6.63 -28.34 15.21
C ILE D 260 7.51 -28.67 16.38
N LEU D 261 8.74 -29.04 16.04
CA LEU D 261 9.71 -29.56 16.97
C LEU D 261 9.79 -28.68 18.19
N GLU D 262 9.98 -27.38 17.95
CA GLU D 262 10.00 -26.40 19.03
C GLU D 262 8.58 -26.17 19.60
N LEU D 263 7.55 -26.48 18.82
CA LEU D 263 6.18 -26.12 19.22
C LEU D 263 5.44 -27.23 19.96
N ILE D 264 5.41 -28.46 19.43
CA ILE D 264 4.79 -29.57 20.18
C ILE D 264 5.64 -30.84 20.30
N GLY D 265 6.79 -30.85 19.66
CA GLY D 265 7.83 -31.83 20.01
C GLY D 265 8.19 -32.96 19.07
N TYR D 266 7.39 -33.20 18.04
CA TYR D 266 7.68 -34.31 17.13
C TYR D 266 8.72 -33.86 16.11
N HIS D 267 9.60 -34.78 15.71
CA HIS D 267 10.34 -34.58 14.46
C HIS D 267 9.45 -35.06 13.33
N PRO D 268 9.42 -34.33 12.22
CA PRO D 268 8.48 -34.66 11.13
C PRO D 268 8.71 -36.08 10.65
N GLU D 269 9.97 -36.50 10.66
CA GLU D 269 10.39 -37.83 10.25
C GLU D 269 9.47 -38.87 10.88
N GLU D 270 9.12 -38.64 12.14
CA GLU D 270 8.22 -39.52 12.87
C GLU D 270 6.77 -39.45 12.37
N LEU D 271 6.32 -38.27 12.00
CA LEU D 271 4.91 -38.10 11.66
C LEU D 271 4.65 -38.39 10.21
N LEU D 272 5.73 -38.59 9.47
CA LEU D 272 5.67 -38.60 8.02
C LEU D 272 4.69 -39.62 7.48
N GLY D 273 4.75 -40.85 7.95
CA GLY D 273 3.88 -41.87 7.42
C GLY D 273 2.44 -41.77 7.90
N ARG D 274 2.25 -40.88 8.87
CA ARG D 274 1.13 -40.98 9.79
C ARG D 274 -0.13 -40.18 9.42
N SER D 275 -1.28 -40.76 9.71
CA SER D 275 -2.51 -40.00 9.56
C SER D 275 -2.65 -38.96 10.66
N ALA D 276 -3.35 -37.87 10.36
CA ALA D 276 -3.56 -36.81 11.34
C ALA D 276 -4.46 -37.28 12.49
N TYR D 277 -5.37 -38.20 12.20
CA TYR D 277 -6.40 -38.59 13.16
C TYR D 277 -5.81 -39.28 14.35
N GLU D 278 -4.62 -39.82 14.15
CA GLU D 278 -3.86 -40.39 15.24
C GLU D 278 -3.50 -39.36 16.32
N PHE D 279 -3.45 -38.07 15.94
CA PHE D 279 -2.92 -37.03 16.82
C PHE D 279 -3.96 -36.04 17.32
N TYR D 280 -5.22 -36.23 16.95
CA TYR D 280 -6.25 -35.36 17.47
C TYR D 280 -6.64 -35.83 18.86
N HIS D 281 -6.99 -34.89 19.72
CA HIS D 281 -7.68 -35.30 20.91
C HIS D 281 -8.98 -35.91 20.44
N ALA D 282 -9.34 -37.07 20.99
CA ALA D 282 -10.54 -37.79 20.57
C ALA D 282 -11.82 -36.95 20.61
N LEU D 283 -12.00 -36.17 21.67
CA LEU D 283 -13.16 -35.29 21.79
C LEU D 283 -13.34 -34.35 20.58
N ASP D 284 -12.33 -34.25 19.72
CA ASP D 284 -12.36 -33.31 18.60
C ASP D 284 -12.64 -34.02 17.28
N SER D 285 -12.51 -35.35 17.34
CA SER D 285 -12.70 -36.22 16.19
C SER D 285 -13.83 -35.79 15.26
N GLU D 286 -15.06 -35.76 15.77
CA GLU D 286 -16.21 -35.56 14.91
C GLU D 286 -16.04 -34.29 14.09
N ASN D 287 -15.61 -33.25 14.78
CA ASN D 287 -15.51 -31.93 14.18
C ASN D 287 -14.58 -32.00 12.99
N MET D 288 -13.44 -32.64 13.22
CA MET D 288 -12.42 -32.77 12.20
C MET D 288 -12.93 -33.51 10.99
N THR D 289 -13.64 -34.60 11.22
CA THR D 289 -14.22 -35.38 10.15
C THR D 289 -14.95 -34.45 9.24
N LYS D 290 -15.84 -33.67 9.86
CA LYS D 290 -16.65 -32.75 9.10
C LYS D 290 -15.72 -31.86 8.29
N SER D 291 -14.75 -31.24 8.96
CA SER D 291 -13.81 -30.34 8.29
C SER D 291 -13.18 -31.10 7.13
N HIS D 292 -12.73 -32.31 7.41
CA HIS D 292 -12.19 -33.16 6.37
C HIS D 292 -13.20 -33.35 5.22
N GLN D 293 -14.39 -33.85 5.52
CA GLN D 293 -15.44 -33.93 4.49
C GLN D 293 -15.54 -32.56 3.81
N ASN D 294 -15.57 -31.52 4.62
CA ASN D 294 -15.75 -30.18 4.11
C ASN D 294 -14.63 -29.80 3.17
N LEU D 295 -13.43 -30.19 3.56
CA LEU D 295 -12.26 -29.91 2.75
C LEU D 295 -12.37 -30.57 1.38
N CYS D 296 -12.91 -31.79 1.36
CA CYS D 296 -12.89 -32.59 0.15
C CYS D 296 -13.90 -32.12 -0.88
N THR D 297 -15.14 -32.01 -0.46
CA THR D 297 -16.19 -31.53 -1.32
C THR D 297 -15.87 -30.12 -1.86
N LYS D 298 -15.41 -29.20 -0.99
CA LYS D 298 -15.28 -27.81 -1.40
C LYS D 298 -13.87 -27.37 -1.83
N GLY D 299 -12.83 -27.95 -1.24
CA GLY D 299 -11.48 -27.59 -1.66
C GLY D 299 -10.67 -26.79 -0.66
N GLN D 300 -11.34 -26.11 0.25
CA GLN D 300 -10.72 -25.39 1.37
C GLN D 300 -11.54 -25.51 2.65
N VAL D 301 -10.88 -25.38 3.80
CA VAL D 301 -11.57 -25.22 5.08
C VAL D 301 -10.80 -24.42 6.11
N VAL D 302 -11.55 -23.86 7.06
CA VAL D 302 -11.00 -23.55 8.35
C VAL D 302 -11.66 -24.56 9.28
N SER D 303 -10.85 -25.30 10.03
CA SER D 303 -11.33 -26.21 11.03
C SER D 303 -11.67 -25.40 12.24
N GLY D 304 -12.52 -25.93 13.11
CA GLY D 304 -12.72 -25.26 14.36
C GLY D 304 -11.48 -25.48 15.21
N GLN D 305 -11.52 -24.96 16.41
CA GLN D 305 -10.44 -25.21 17.34
C GLN D 305 -10.47 -26.64 17.82
N TYR D 306 -9.29 -27.25 17.93
CA TYR D 306 -9.20 -28.62 18.42
C TYR D 306 -7.91 -28.86 19.17
N ARG D 307 -7.90 -29.83 20.07
CA ARG D 307 -6.70 -30.15 20.81
C ARG D 307 -5.92 -31.14 19.98
N MET D 308 -4.64 -30.87 19.81
CA MET D 308 -3.73 -31.85 19.28
C MET D 308 -2.74 -32.32 20.35
N LEU D 309 -2.56 -33.63 20.44
CA LEU D 309 -1.68 -34.23 21.42
C LEU D 309 -0.23 -33.80 21.19
N ALA D 310 0.49 -33.54 22.27
CA ALA D 310 1.85 -33.05 22.15
C ALA D 310 2.80 -34.25 22.16
N LYS D 311 4.06 -34.07 21.77
CA LYS D 311 4.97 -35.21 21.62
C LYS D 311 5.12 -36.01 22.89
N HIS D 312 5.08 -35.34 24.03
CA HIS D 312 4.96 -36.04 25.29
C HIS D 312 3.58 -35.58 25.79
N GLY D 313 3.30 -35.70 27.08
CA GLY D 313 1.98 -35.41 27.61
C GLY D 313 1.23 -34.16 27.15
N GLY D 314 -0.08 -34.19 27.29
CA GLY D 314 -0.88 -33.00 27.08
C GLY D 314 -1.16 -32.69 25.64
N TYR D 315 -1.69 -31.50 25.42
CA TYR D 315 -2.07 -31.09 24.08
C TYR D 315 -1.86 -29.60 23.90
N VAL D 316 -1.96 -29.13 22.66
CA VAL D 316 -2.10 -27.72 22.40
C VAL D 316 -3.36 -27.49 21.61
N TRP D 317 -3.89 -26.29 21.67
CA TRP D 317 -5.04 -25.98 20.89
C TRP D 317 -4.60 -25.51 19.53
N LEU D 318 -5.41 -25.78 18.53
CA LEU D 318 -5.04 -25.48 17.16
C LEU D 318 -6.24 -25.01 16.38
N GLU D 319 -5.97 -24.32 15.30
CA GLU D 319 -6.99 -24.08 14.31
C GLU D 319 -6.33 -24.16 12.95
N THR D 320 -6.92 -24.97 12.07
CA THR D 320 -6.28 -25.27 10.80
C THR D 320 -7.08 -24.81 9.59
N GLN D 321 -6.36 -24.11 8.70
CA GLN D 321 -6.81 -23.89 7.33
C GLN D 321 -6.19 -24.89 6.37
N GLY D 322 -7.04 -25.63 5.66
CA GLY D 322 -6.59 -26.65 4.75
C GLY D 322 -6.96 -26.31 3.31
N THR D 323 -6.01 -26.53 2.39
CA THR D 323 -6.22 -26.30 0.95
C THR D 323 -5.89 -27.49 0.07
N VAL D 324 -6.86 -28.00 -0.67
CA VAL D 324 -6.56 -29.02 -1.66
C VAL D 324 -5.74 -28.40 -2.77
N ILE D 325 -4.61 -29.00 -3.10
CA ILE D 325 -3.84 -28.46 -4.23
C ILE D 325 -3.84 -29.40 -5.45
N TYR D 326 -3.85 -28.77 -6.62
CA TYR D 326 -4.01 -29.47 -7.90
C TYR D 326 -2.74 -29.48 -8.72
N ASN D 327 -2.47 -30.60 -9.39
CA ASN D 327 -1.43 -30.58 -10.39
C ASN D 327 -1.82 -29.59 -11.48
N PRO D 328 -0.93 -28.61 -11.76
CA PRO D 328 -1.18 -27.51 -12.71
C PRO D 328 -1.24 -27.97 -14.16
N ARG D 329 -0.35 -28.90 -14.51
CA ARG D 329 -0.37 -29.52 -15.82
C ARG D 329 -1.17 -30.79 -15.95
N ASN D 330 -1.86 -31.18 -14.91
CA ASN D 330 -2.46 -32.49 -14.98
C ASN D 330 -3.91 -32.32 -14.50
N LEU D 331 -4.12 -31.24 -13.73
CA LEU D 331 -5.41 -30.84 -13.20
C LEU D 331 -5.96 -31.93 -12.31
N GLN D 332 -5.09 -32.71 -11.70
CA GLN D 332 -5.59 -33.72 -10.78
C GLN D 332 -5.29 -33.32 -9.36
N PRO D 333 -6.09 -33.81 -8.40
CA PRO D 333 -5.85 -33.56 -6.97
C PRO D 333 -4.52 -34.14 -6.57
N GLN D 334 -3.84 -33.57 -5.60
CA GLN D 334 -2.51 -34.09 -5.34
C GLN D 334 -2.30 -34.29 -3.84
N CYS D 335 -2.52 -33.23 -3.08
CA CYS D 335 -2.33 -33.30 -1.65
C CYS D 335 -3.19 -32.23 -1.04
N ILE D 336 -3.07 -32.11 0.27
CA ILE D 336 -3.70 -31.05 1.03
C ILE D 336 -2.65 -30.19 1.71
N MET D 337 -2.79 -28.87 1.60
CA MET D 337 -1.92 -27.94 2.34
C MET D 337 -2.60 -27.38 3.56
N CYS D 338 -1.86 -27.37 4.66
CA CYS D 338 -2.39 -27.01 5.96
C CYS D 338 -1.61 -25.94 6.73
N VAL D 339 -2.17 -24.74 6.86
CA VAL D 339 -1.65 -23.76 7.80
C VAL D 339 -2.25 -23.96 9.19
N ASN D 340 -1.39 -24.25 10.16
CA ASN D 340 -1.79 -24.58 11.54
C ASN D 340 -1.41 -23.48 12.52
N TYR D 341 -2.42 -22.86 13.12
CA TYR D 341 -2.21 -21.83 14.11
C TYR D 341 -2.21 -22.46 15.50
N VAL D 342 -1.04 -22.57 16.12
CA VAL D 342 -0.99 -23.04 17.49
C VAL D 342 -1.50 -21.94 18.39
N LEU D 343 -2.51 -22.22 19.20
CA LEU D 343 -3.19 -21.12 19.89
C LEU D 343 -2.85 -21.08 21.35
N SER D 344 -2.06 -22.05 21.81
CA SER D 344 -1.70 -22.10 23.22
C SER D 344 -0.37 -22.78 23.41
N GLU D 345 0.03 -22.93 24.68
CA GLU D 345 1.21 -23.72 24.96
C GLU D 345 0.76 -25.09 25.42
N ILE D 346 1.68 -26.05 25.51
CA ILE D 346 1.24 -27.42 25.83
C ILE D 346 0.45 -27.50 27.14
N GLU D 347 -0.79 -27.94 27.00
CA GLU D 347 -1.71 -28.00 28.10
C GLU D 347 -1.83 -29.41 28.68
N LYS D 348 -1.56 -29.52 29.97
CA LYS D 348 -1.66 -30.75 30.74
C LYS D 348 -0.75 -31.90 30.32
N ASN D 349 0.55 -31.68 30.40
CA ASN D 349 1.55 -32.65 29.98
C ASN D 349 1.71 -33.66 31.10
N ASP D 350 1.35 -33.26 32.32
CA ASP D 350 1.24 -34.20 33.43
C ASP D 350 0.47 -35.43 32.96
N VAL D 351 -0.46 -35.20 32.02
CA VAL D 351 -1.32 -36.26 31.50
C VAL D 351 -0.82 -36.82 30.18
N VAL D 352 -0.67 -38.14 30.14
CA VAL D 352 -0.24 -38.83 28.92
C VAL D 352 -1.47 -39.49 28.25
N PHE D 353 -1.70 -39.18 26.97
CA PHE D 353 -2.97 -39.59 26.36
C PHE D 353 -2.87 -40.77 25.41
N SER D 354 -1.77 -40.86 24.68
CA SER D 354 -1.66 -41.89 23.67
C SER D 354 -0.35 -42.66 23.73
N MET D 355 -0.25 -43.69 22.90
CA MET D 355 0.97 -44.48 22.84
C MET D 355 2.15 -43.62 22.45
N ASP D 356 1.93 -42.70 21.51
CA ASP D 356 2.99 -41.84 21.03
C ASP D 356 3.66 -41.04 22.16
N GLN D 357 2.87 -40.61 23.14
CA GLN D 357 3.38 -39.92 24.33
C GLN D 357 4.12 -40.86 25.32
N THR D 358 3.83 -42.15 25.30
CA THR D 358 4.53 -43.11 26.17
C THR D 358 5.84 -43.53 25.55
N GLU D 359 5.91 -43.45 24.23
CA GLU D 359 7.08 -43.85 23.48
C GLU D 359 8.31 -43.04 23.87
N SER D 360 8.07 -41.93 24.55
CA SER D 360 9.13 -41.04 25.01
C SER D 360 9.96 -41.71 26.11
#